data_9ELE
#
_entry.id   9ELE
#
_cell.length_a   1.00
_cell.length_b   1.00
_cell.length_c   1.00
_cell.angle_alpha   90.00
_cell.angle_beta   90.00
_cell.angle_gamma   90.00
#
_symmetry.space_group_name_H-M   'P 1'
#
loop_
_entity.id
_entity.type
_entity.pdbx_description
1 polymer 'Processed angiotensin-converting enzyme 2'
2 polymer 'Spike protein S1'
3 branched 2-acetamido-2-deoxy-beta-D-glucopyranose-(1-4)-2-acetamido-2-deoxy-beta-D-glucopyranose
4 branched beta-D-mannopyranose-(1-4)-2-acetamido-2-deoxy-beta-D-glucopyranose-(1-4)-2-acetamido-2-deoxy-beta-D-glucopyranose
5 non-polymer 2-acetamido-2-deoxy-beta-D-glucopyranose
#
loop_
_entity_poly.entity_id
_entity_poly.type
_entity_poly.pdbx_seq_one_letter_code
_entity_poly.pdbx_strand_id
1 'polypeptide(L)'
;STIEEQAKTFLDKFNHEAEDLFYQSSLASWNYNTNITEENVQNMNNAGDKWSAFLKEQSTLAQMYPLQEIQNLTVKLQLQ
ALQQNGSSVLSEDKSKRLNTILNTMSTIYSTGKVCNPDNPQECLLLEPGLNEIMANSLDYNERLWAWESWRSEVGKQLRP
LYEEYVVLKNEMARANHYEDYGDYWRGDYEVNGVDGYDYSRGQLIEDVEHTFEEIKPLYEHLHAYVRAKLMNAYPSYISP
IGCLPAHLLGDMWGRFWTNLYSLTVPFGQKPNIDVTDAMVDQAWDAQRIFKEAEKFFVSVGLPNMTQGFWENSMLTDPGN
VQKAVCHPTAWDLGKGDFRILMCTKVTMDDFLTAHHEMGHIQYDMAYAAQPFLLRNGANEGFHEAVGEIMSLSAATPKHL
KSIGLLSPDFQEDNETEINFLLKQALTIVGTLPFTYMLEKWRWMVFKGEIPKDQWMKKWWEMKREIVGVVEPVPHDETYC
DPASLFHVSNDYSFIRYYTRTLYQFQFQEALCQAAKHEGPLHKCDISNSTEAGQKLFNMLRLGKSEPWTLALENVVGAKN
MNVRPLLNYFEPLFTWLKDQNKNSFVGWSTDWSPYADHHHHHH
;
A
2 'polypeptide(L)'
;FRVQPTESIVRFPNVTNLCPFHEVFNATRFASVYAWNRTRISNCVADYSVLYNFAPFFAFKCYGVSPTKLNDLCFTNVYA
DSFVIKGNEVSQIAPGQTGNIADYNYKLPDDFTGCVIAWNSNKLDSKHSGNYDYWYRSLRKSKLKPFERDISTEIYQAGN
KPCKGKGPNCYFPLESYGFRPTYGVGHQPYRVVVLSFELLHAPATVCGP
;
B
#
loop_
_chem_comp.id
_chem_comp.type
_chem_comp.name
_chem_comp.formula
BMA D-saccharide, beta linking beta-D-mannopyranose 'C6 H12 O6'
NAG D-saccharide, beta linking 2-acetamido-2-deoxy-beta-D-glucopyranose 'C8 H15 N O6'
#
# COMPACT_ATOMS: atom_id res chain seq x y z
N SER A 1 10.60 6.59 -35.06
CA SER A 1 10.72 5.19 -34.69
C SER A 1 11.95 4.94 -33.84
N THR A 2 12.29 5.91 -33.01
CA THR A 2 13.44 5.78 -32.12
C THR A 2 13.12 4.81 -30.99
N ILE A 3 14.14 4.50 -30.19
CA ILE A 3 14.01 3.47 -29.16
C ILE A 3 13.02 3.90 -28.09
N GLU A 4 12.95 5.21 -27.79
CA GLU A 4 12.01 5.70 -26.79
C GLU A 4 10.56 5.46 -27.20
N GLU A 5 10.26 5.62 -28.48
CA GLU A 5 8.89 5.41 -28.93
C GLU A 5 8.53 3.94 -28.86
N GLN A 6 9.49 3.07 -29.18
CA GLN A 6 9.24 1.64 -29.11
C GLN A 6 9.02 1.24 -27.66
N ALA A 7 9.79 1.85 -26.76
CA ALA A 7 9.64 1.55 -25.34
C ALA A 7 8.28 1.99 -24.83
N LYS A 8 7.80 3.15 -25.29
CA LYS A 8 6.48 3.59 -24.87
C LYS A 8 5.39 2.65 -25.38
N THR A 9 5.52 2.17 -26.63
CA THR A 9 4.53 1.24 -27.16
C THR A 9 4.54 -0.05 -26.34
N PHE A 10 5.75 -0.54 -26.04
CA PHE A 10 5.92 -1.74 -25.23
C PHE A 10 5.26 -1.57 -23.88
N LEU A 11 5.52 -0.45 -23.20
CA LEU A 11 4.96 -0.24 -21.88
C LEU A 11 3.44 -0.14 -21.94
N ASP A 12 2.88 0.50 -22.98
CA ASP A 12 1.42 0.56 -23.06
C ASP A 12 0.82 -0.84 -23.16
N LYS A 13 1.45 -1.70 -23.97
CA LYS A 13 0.96 -3.07 -24.10
C LYS A 13 1.14 -3.82 -22.79
N PHE A 14 2.27 -3.59 -22.13
CA PHE A 14 2.52 -4.20 -20.84
C PHE A 14 1.45 -3.80 -19.86
N ASN A 15 1.16 -2.50 -19.77
CA ASN A 15 0.22 -2.03 -18.77
C ASN A 15 -1.14 -2.64 -18.98
N HIS A 16 -1.56 -2.81 -20.24
CA HIS A 16 -2.87 -3.43 -20.45
C HIS A 16 -2.89 -4.89 -20.01
N GLU A 17 -1.88 -5.67 -20.46
CA GLU A 17 -1.89 -7.08 -20.12
C GLU A 17 -1.65 -7.27 -18.63
N ALA A 18 -0.78 -6.44 -18.06
CA ALA A 18 -0.47 -6.53 -16.64
C ALA A 18 -1.70 -6.23 -15.81
N GLU A 19 -2.50 -5.24 -16.22
CA GLU A 19 -3.69 -4.96 -15.44
C GLU A 19 -4.63 -6.14 -15.45
N ASP A 20 -4.76 -6.81 -16.60
CA ASP A 20 -5.68 -7.96 -16.62
C ASP A 20 -5.16 -9.12 -15.76
N LEU A 21 -3.88 -9.46 -15.91
CA LEU A 21 -3.35 -10.60 -15.16
C LEU A 21 -3.23 -10.28 -13.68
N PHE A 22 -2.84 -9.04 -13.35
CA PHE A 22 -2.72 -8.62 -11.97
C PHE A 22 -4.08 -8.69 -11.31
N TYR A 23 -5.12 -8.17 -11.98
CA TYR A 23 -6.45 -8.22 -11.42
C TYR A 23 -6.84 -9.66 -11.11
N GLN A 24 -6.59 -10.58 -12.05
CA GLN A 24 -6.98 -11.97 -11.81
C GLN A 24 -6.24 -12.53 -10.60
N SER A 25 -4.95 -12.21 -10.47
CA SER A 25 -4.16 -12.69 -9.34
C SER A 25 -4.67 -12.12 -8.02
N SER A 26 -4.92 -10.81 -8.00
CA SER A 26 -5.35 -10.17 -6.76
C SER A 26 -6.73 -10.66 -6.36
N LEU A 27 -7.62 -10.90 -7.33
CA LEU A 27 -8.94 -11.38 -6.97
C LEU A 27 -8.86 -12.81 -6.45
N ALA A 28 -8.02 -13.67 -7.06
CA ALA A 28 -7.90 -15.02 -6.53
C ALA A 28 -7.34 -14.99 -5.11
N SER A 29 -6.38 -14.08 -4.86
CA SER A 29 -5.82 -13.94 -3.52
C SER A 29 -6.89 -13.49 -2.53
N TRP A 30 -7.71 -12.52 -2.94
CA TRP A 30 -8.83 -12.08 -2.11
C TRP A 30 -9.73 -13.25 -1.76
N ASN A 31 -10.13 -14.02 -2.78
CA ASN A 31 -11.06 -15.11 -2.56
C ASN A 31 -10.49 -16.12 -1.58
N TYR A 32 -9.19 -16.42 -1.70
CA TYR A 32 -8.58 -17.31 -0.72
C TYR A 32 -8.60 -16.75 0.69
N ASN A 33 -8.15 -15.50 0.85
CA ASN A 33 -8.06 -14.94 2.20
C ASN A 33 -9.42 -14.73 2.86
N THR A 34 -10.48 -14.48 2.11
CA THR A 34 -11.80 -14.34 2.72
C THR A 34 -12.58 -15.64 2.80
N ASN A 35 -12.18 -16.66 2.04
CA ASN A 35 -12.85 -17.96 2.02
C ASN A 35 -11.71 -18.98 1.90
N ILE A 36 -11.23 -19.49 3.02
CA ILE A 36 -10.07 -20.38 3.02
C ILE A 36 -10.51 -21.81 2.73
N THR A 37 -9.99 -22.36 1.62
CA THR A 37 -10.30 -23.71 1.18
C THR A 37 -9.26 -24.12 0.14
N GLU A 38 -9.10 -25.43 -0.02
CA GLU A 38 -8.09 -25.96 -0.96
C GLU A 38 -8.36 -25.52 -2.41
N GLU A 39 -9.63 -25.40 -2.82
CA GLU A 39 -9.88 -25.02 -4.22
C GLU A 39 -9.37 -23.61 -4.46
N ASN A 40 -9.54 -22.74 -3.47
CA ASN A 40 -9.07 -21.37 -3.61
C ASN A 40 -7.55 -21.35 -3.53
N VAL A 41 -6.94 -22.29 -2.81
CA VAL A 41 -5.48 -22.35 -2.79
C VAL A 41 -4.98 -22.65 -4.20
N GLN A 42 -5.62 -23.60 -4.87
CA GLN A 42 -5.20 -23.93 -6.22
C GLN A 42 -5.44 -22.75 -7.17
N ASN A 43 -6.54 -22.03 -6.98
CA ASN A 43 -6.82 -20.90 -7.86
C ASN A 43 -5.83 -19.77 -7.62
N MET A 44 -5.47 -19.55 -6.35
CA MET A 44 -4.49 -18.53 -5.99
C MET A 44 -3.14 -18.86 -6.59
N ASN A 45 -2.73 -20.13 -6.49
CA ASN A 45 -1.42 -20.49 -7.01
C ASN A 45 -1.40 -20.46 -8.52
N ASN A 46 -2.50 -20.81 -9.18
CA ASN A 46 -2.49 -20.80 -10.64
C ASN A 46 -2.44 -19.37 -11.15
N ALA A 47 -3.22 -18.47 -10.54
CA ALA A 47 -3.18 -17.09 -10.99
C ALA A 47 -1.82 -16.45 -10.67
N GLY A 48 -1.24 -16.81 -9.52
CA GLY A 48 0.06 -16.28 -9.16
C GLY A 48 1.12 -16.72 -10.13
N ASP A 49 1.09 -18.00 -10.52
CA ASP A 49 2.07 -18.52 -11.45
C ASP A 49 1.89 -17.86 -12.81
N LYS A 50 0.64 -17.61 -13.22
CA LYS A 50 0.42 -16.95 -14.50
C LYS A 50 1.01 -15.54 -14.48
N TRP A 51 0.81 -14.84 -13.36
CA TRP A 51 1.36 -13.50 -13.19
C TRP A 51 2.88 -13.50 -13.21
N SER A 52 3.50 -14.45 -12.50
CA SER A 52 4.96 -14.50 -12.46
C SER A 52 5.53 -14.84 -13.83
N ALA A 53 4.90 -15.77 -14.56
CA ALA A 53 5.39 -16.11 -15.89
C ALA A 53 5.30 -14.90 -16.81
N PHE A 54 4.21 -14.15 -16.67
CA PHE A 54 4.04 -12.93 -17.44
C PHE A 54 5.16 -11.94 -17.14
N LEU A 55 5.43 -11.69 -15.87
CA LEU A 55 6.48 -10.73 -15.55
C LEU A 55 7.84 -11.21 -16.04
N LYS A 56 8.12 -12.52 -15.96
CA LYS A 56 9.42 -12.99 -16.46
C LYS A 56 9.54 -12.74 -17.95
N GLU A 57 8.48 -13.02 -18.71
CA GLU A 57 8.54 -12.79 -20.15
C GLU A 57 8.69 -11.30 -20.46
N GLN A 58 7.95 -10.46 -19.74
CA GLN A 58 8.02 -9.03 -20.03
C GLN A 58 9.37 -8.47 -19.59
N SER A 59 9.94 -9.00 -18.50
CA SER A 59 11.26 -8.55 -18.07
C SER A 59 12.29 -8.89 -19.12
N THR A 60 12.19 -10.09 -19.71
CA THR A 60 13.11 -10.46 -20.78
C THR A 60 12.96 -9.52 -21.96
N LEU A 61 11.71 -9.24 -22.35
CA LEU A 61 11.50 -8.35 -23.50
C LEU A 61 12.00 -6.94 -23.20
N ALA A 62 11.88 -6.49 -21.95
CA ALA A 62 12.29 -5.15 -21.55
C ALA A 62 13.78 -4.88 -21.70
N GLN A 63 14.61 -5.91 -21.89
CA GLN A 63 16.05 -5.69 -21.96
C GLN A 63 16.50 -5.12 -23.30
N MET A 64 15.58 -5.03 -24.24
CA MET A 64 15.81 -4.52 -25.59
C MET A 64 15.68 -3.01 -25.70
N TYR A 65 15.38 -2.31 -24.60
CA TYR A 65 15.18 -0.86 -24.58
C TYR A 65 16.15 -0.21 -23.59
N PRO A 66 17.41 0.00 -23.96
CA PRO A 66 18.39 0.55 -23.01
C PRO A 66 17.93 1.90 -22.46
N LEU A 67 18.32 2.19 -21.21
CA LEU A 67 17.86 3.42 -20.58
C LEU A 67 18.74 4.61 -20.95
N GLN A 68 19.91 4.36 -21.53
CA GLN A 68 20.84 5.42 -21.83
C GLN A 68 20.27 6.39 -22.86
N GLU A 69 19.48 5.90 -23.82
CA GLU A 69 18.90 6.78 -24.83
C GLU A 69 17.58 7.42 -24.41
N ILE A 70 16.98 6.99 -23.31
CA ILE A 70 15.67 7.47 -22.90
C ILE A 70 15.77 8.74 -22.07
N GLN A 71 15.00 9.75 -22.46
CA GLN A 71 14.99 11.08 -21.85
C GLN A 71 13.81 11.29 -20.91
N ASN A 72 12.68 10.65 -21.17
CA ASN A 72 11.46 10.78 -20.38
C ASN A 72 11.60 9.94 -19.11
N LEU A 73 11.53 10.61 -17.95
CA LEU A 73 11.71 9.91 -16.68
C LEU A 73 10.62 8.89 -16.38
N THR A 74 9.39 9.10 -16.84
CA THR A 74 8.33 8.14 -16.55
C THR A 74 8.62 6.80 -17.23
N VAL A 75 9.11 6.86 -18.47
CA VAL A 75 9.39 5.66 -19.22
C VAL A 75 10.59 4.96 -18.59
N LYS A 76 11.61 5.75 -18.25
CA LYS A 76 12.81 5.21 -17.64
C LYS A 76 12.49 4.50 -16.32
N LEU A 77 11.61 5.09 -15.51
CA LEU A 77 11.24 4.45 -14.24
C LEU A 77 10.48 3.15 -14.48
N GLN A 78 9.57 3.13 -15.47
CA GLN A 78 8.83 1.90 -15.71
C GLN A 78 9.77 0.80 -16.21
N LEU A 79 10.73 1.18 -17.05
CA LEU A 79 11.68 0.19 -17.53
C LEU A 79 12.56 -0.29 -16.39
N GLN A 80 12.97 0.59 -15.48
CA GLN A 80 13.78 0.12 -14.36
C GLN A 80 13.01 -0.90 -13.55
N ALA A 81 11.70 -0.64 -13.39
CA ALA A 81 10.85 -1.55 -12.64
C ALA A 81 10.80 -2.93 -13.30
N LEU A 82 10.81 -2.98 -14.63
CA LEU A 82 10.74 -4.27 -15.32
C LEU A 82 12.07 -4.95 -15.62
N GLN A 83 13.13 -4.20 -15.86
CA GLN A 83 14.40 -4.78 -16.27
C GLN A 83 15.12 -5.55 -15.16
N GLN A 84 14.98 -5.15 -13.90
CA GLN A 84 15.70 -5.89 -12.86
C GLN A 84 15.23 -7.34 -12.84
N ASN A 85 16.21 -8.25 -12.88
CA ASN A 85 15.90 -9.66 -12.93
C ASN A 85 15.76 -10.27 -11.54
N GLY A 86 16.48 -9.73 -10.56
CA GLY A 86 16.44 -10.29 -9.22
C GLY A 86 16.99 -11.71 -9.20
N SER A 87 16.20 -12.63 -8.66
CA SER A 87 16.67 -14.01 -8.55
C SER A 87 16.88 -14.67 -9.90
N SER A 88 16.35 -14.10 -10.98
CA SER A 88 16.54 -14.70 -12.29
C SER A 88 18.01 -14.61 -12.73
N VAL A 89 18.82 -13.78 -12.07
CA VAL A 89 20.22 -13.64 -12.45
C VAL A 89 21.06 -14.83 -11.97
N LEU A 90 20.55 -15.62 -11.04
CA LEU A 90 21.25 -16.75 -10.46
C LEU A 90 21.11 -17.98 -11.35
N SER A 91 22.05 -18.92 -11.21
CA SER A 91 21.94 -20.18 -11.93
C SER A 91 20.73 -20.94 -11.41
N GLU A 92 20.28 -21.94 -12.17
CA GLU A 92 19.08 -22.68 -11.78
C GLU A 92 19.24 -23.39 -10.43
N ASP A 93 20.43 -23.93 -10.14
CA ASP A 93 20.61 -24.67 -8.90
C ASP A 93 20.61 -23.73 -7.70
N LYS A 94 21.26 -22.58 -7.84
CA LYS A 94 21.29 -21.63 -6.73
C LYS A 94 19.92 -21.03 -6.50
N SER A 95 19.16 -20.80 -7.57
CA SER A 95 17.82 -20.24 -7.41
C SER A 95 16.91 -21.22 -6.67
N LYS A 96 16.95 -22.51 -7.04
CA LYS A 96 16.13 -23.46 -6.30
C LYS A 96 16.59 -23.56 -4.86
N ARG A 97 17.90 -23.52 -4.63
CA ARG A 97 18.39 -23.63 -3.26
C ARG A 97 17.98 -22.41 -2.44
N LEU A 98 18.03 -21.22 -3.04
CA LEU A 98 17.64 -20.03 -2.31
C LEU A 98 16.16 -20.08 -1.95
N ASN A 99 15.33 -20.52 -2.90
CA ASN A 99 13.90 -20.60 -2.58
C ASN A 99 13.66 -21.66 -1.53
N THR A 100 14.45 -22.74 -1.55
CA THR A 100 14.33 -23.78 -0.53
C THR A 100 14.67 -23.21 0.83
N ILE A 101 15.75 -22.43 0.91
CA ILE A 101 16.16 -21.83 2.20
C ILE A 101 15.08 -20.89 2.69
N LEU A 102 14.53 -20.05 1.81
CA LEU A 102 13.51 -19.10 2.26
C LEU A 102 12.28 -19.84 2.74
N ASN A 103 11.89 -20.92 2.06
CA ASN A 103 10.72 -21.68 2.48
C ASN A 103 11.01 -22.41 3.78
N THR A 104 12.25 -22.87 3.97
CA THR A 104 12.63 -23.56 5.19
C THR A 104 12.57 -22.61 6.37
N MET A 105 13.11 -21.40 6.21
CA MET A 105 13.06 -20.43 7.30
C MET A 105 11.63 -20.06 7.62
N SER A 106 10.79 -19.86 6.60
CA SER A 106 9.41 -19.51 6.86
C SER A 106 8.73 -20.63 7.62
N THR A 107 8.97 -21.89 7.20
CA THR A 107 8.37 -23.03 7.88
C THR A 107 8.85 -23.12 9.33
N ILE A 108 10.16 -22.97 9.55
CA ILE A 108 10.70 -23.11 10.91
C ILE A 108 10.13 -22.04 11.83
N TYR A 109 10.10 -20.79 11.36
CA TYR A 109 9.52 -19.72 12.16
C TYR A 109 8.03 -19.93 12.42
N SER A 110 7.26 -20.15 11.35
CA SER A 110 5.81 -20.22 11.46
C SER A 110 5.33 -21.33 12.39
N THR A 111 5.95 -22.51 12.32
CA THR A 111 5.54 -23.66 13.13
C THR A 111 6.50 -23.93 14.27
N GLY A 112 7.43 -23.03 14.58
CA GLY A 112 8.38 -23.31 15.62
C GLY A 112 7.65 -23.36 16.95
N LYS A 113 8.07 -24.28 17.81
CA LYS A 113 7.43 -24.45 19.09
C LYS A 113 8.48 -24.75 20.16
N VAL A 114 8.14 -24.45 21.41
CA VAL A 114 8.98 -24.80 22.56
C VAL A 114 8.13 -25.60 23.53
N CYS A 115 8.78 -26.38 24.38
CA CYS A 115 8.10 -27.23 25.36
C CYS A 115 8.51 -26.90 26.79
N ASN A 116 7.52 -26.95 27.68
CA ASN A 116 7.72 -26.65 29.09
C ASN A 116 8.72 -27.61 29.70
N PRO A 117 9.58 -27.17 30.63
CA PRO A 117 10.56 -28.07 31.23
C PRO A 117 9.89 -29.29 31.87
N ASP A 118 10.44 -30.46 31.60
CA ASP A 118 9.97 -31.74 32.13
C ASP A 118 8.56 -32.12 31.69
N ASN A 119 7.96 -31.42 30.73
CA ASN A 119 6.60 -31.69 30.27
C ASN A 119 6.54 -31.65 28.75
N PRO A 120 7.02 -32.71 28.09
CA PRO A 120 7.04 -32.71 26.61
C PRO A 120 5.66 -32.59 25.97
N GLN A 121 4.58 -32.88 26.70
CA GLN A 121 3.23 -32.80 26.14
C GLN A 121 2.64 -31.40 26.16
N GLU A 122 3.25 -30.44 26.84
CA GLU A 122 2.71 -29.08 26.98
C GLU A 122 3.67 -28.15 26.26
N CYS A 123 3.38 -27.84 25.00
CA CYS A 123 4.27 -27.07 24.13
C CYS A 123 3.52 -25.88 23.57
N LEU A 124 4.21 -24.74 23.53
CA LEU A 124 3.66 -23.47 23.07
C LEU A 124 4.25 -23.02 21.74
N LEU A 125 3.37 -22.47 20.91
CA LEU A 125 3.71 -21.83 19.65
C LEU A 125 3.97 -20.35 19.93
N LEU A 126 4.69 -19.69 19.02
CA LEU A 126 4.97 -18.26 19.18
C LEU A 126 3.69 -17.47 19.37
N GLU A 127 2.64 -17.81 18.61
CA GLU A 127 1.35 -17.14 18.65
C GLU A 127 0.27 -18.19 18.90
N PRO A 128 -0.62 -18.02 19.91
CA PRO A 128 -0.69 -16.99 20.96
C PRO A 128 0.16 -17.26 22.20
N GLY A 129 0.74 -18.45 22.36
CA GLY A 129 1.37 -18.85 23.60
C GLY A 129 2.49 -18.00 24.19
N LEU A 130 3.61 -17.97 23.46
CA LEU A 130 4.77 -17.25 23.96
C LEU A 130 4.53 -15.75 23.94
N ASN A 131 3.83 -15.24 22.93
CA ASN A 131 3.56 -13.80 22.90
C ASN A 131 2.75 -13.40 24.12
N GLU A 132 1.79 -14.25 24.51
CA GLU A 132 0.99 -13.97 25.69
C GLU A 132 1.85 -14.01 26.95
N ILE A 133 2.82 -14.93 27.00
CA ILE A 133 3.70 -15.00 28.16
C ILE A 133 4.55 -13.74 28.24
N MET A 134 5.13 -13.34 27.12
CA MET A 134 6.01 -12.18 27.10
C MET A 134 5.25 -10.89 27.36
N ALA A 135 3.99 -10.81 26.94
CA ALA A 135 3.20 -9.60 27.13
C ALA A 135 2.55 -9.46 28.51
N ASN A 136 2.02 -10.54 29.11
CA ASN A 136 1.26 -10.40 30.34
C ASN A 136 1.87 -10.95 31.62
N SER A 137 2.84 -11.86 31.56
CA SER A 137 3.33 -12.45 32.81
C SER A 137 4.31 -11.50 33.48
N LEU A 138 4.25 -11.39 34.81
CA LEU A 138 5.21 -10.60 35.56
C LEU A 138 6.20 -11.46 36.34
N ASP A 139 6.25 -12.75 36.07
CA ASP A 139 7.19 -13.66 36.73
C ASP A 139 8.49 -13.65 35.93
N TYR A 140 9.57 -13.13 36.54
CA TYR A 140 10.85 -12.97 35.86
C TYR A 140 11.33 -14.27 35.22
N ASN A 141 11.27 -15.37 35.97
CA ASN A 141 11.80 -16.63 35.45
C ASN A 141 10.98 -17.18 34.29
N GLU A 142 9.65 -17.02 34.32
CA GLU A 142 8.84 -17.50 33.20
C GLU A 142 9.18 -16.71 31.93
N ARG A 143 9.35 -15.39 32.07
CA ARG A 143 9.67 -14.54 30.94
C ARG A 143 11.02 -14.92 30.37
N LEU A 144 11.98 -15.23 31.25
CA LEU A 144 13.31 -15.64 30.81
C LEU A 144 13.25 -16.99 30.13
N TRP A 145 12.44 -17.92 30.66
CA TRP A 145 12.29 -19.21 30.04
C TRP A 145 11.77 -19.09 28.62
N ALA A 146 10.72 -18.28 28.43
CA ALA A 146 10.18 -18.13 27.07
C ALA A 146 11.23 -17.53 26.14
N TRP A 147 11.95 -16.53 26.64
CA TRP A 147 13.00 -15.87 25.86
C TRP A 147 14.07 -16.87 25.40
N GLU A 148 14.65 -17.59 26.37
CA GLU A 148 15.76 -18.48 26.06
C GLU A 148 15.30 -19.66 25.24
N SER A 149 14.10 -20.18 25.53
CA SER A 149 13.64 -21.36 24.81
C SER A 149 13.42 -21.02 23.35
N TRP A 150 12.87 -19.83 23.08
CA TRP A 150 12.68 -19.47 21.68
C TRP A 150 14.03 -19.30 21.01
N ARG A 151 14.97 -18.58 21.65
CA ARG A 151 16.27 -18.36 21.00
C ARG A 151 17.07 -19.64 20.79
N SER A 152 16.99 -20.60 21.71
CA SER A 152 17.74 -21.84 21.54
C SER A 152 17.07 -22.80 20.55
N GLU A 153 15.79 -23.11 20.75
CA GLU A 153 15.16 -24.11 19.89
C GLU A 153 15.00 -23.63 18.45
N VAL A 154 14.66 -22.36 18.23
CA VAL A 154 14.48 -21.85 16.88
C VAL A 154 15.73 -21.16 16.36
N GLY A 155 16.38 -20.34 17.16
CA GLY A 155 17.56 -19.63 16.67
C GLY A 155 18.66 -20.56 16.18
N LYS A 156 18.80 -21.74 16.81
CA LYS A 156 19.86 -22.64 16.39
C LYS A 156 19.50 -23.48 15.17
N GLN A 157 18.24 -23.45 14.74
CA GLN A 157 17.87 -24.16 13.52
C GLN A 157 18.06 -23.22 12.33
N LEU A 158 17.84 -21.93 12.58
CA LEU A 158 17.93 -20.93 11.53
C LEU A 158 19.34 -20.45 11.27
N ARG A 159 20.25 -20.45 12.26
CA ARG A 159 21.61 -19.94 12.05
C ARG A 159 22.32 -20.42 10.78
N PRO A 160 22.46 -21.73 10.51
CA PRO A 160 23.19 -22.15 9.29
C PRO A 160 22.45 -21.78 8.02
N LEU A 161 21.15 -21.56 8.13
CA LEU A 161 20.39 -21.20 6.95
C LEU A 161 20.60 -19.73 6.70
N TYR A 162 20.77 -18.95 7.77
CA TYR A 162 20.98 -17.53 7.59
C TYR A 162 22.33 -17.31 6.96
N GLU A 163 23.32 -18.13 7.34
CA GLU A 163 24.64 -17.97 6.74
C GLU A 163 24.58 -18.27 5.25
N GLU A 164 23.87 -19.34 4.86
CA GLU A 164 23.80 -19.66 3.44
C GLU A 164 22.94 -18.62 2.72
N TYR A 165 21.87 -18.18 3.36
CA TYR A 165 21.00 -17.14 2.82
C TYR A 165 21.80 -15.88 2.52
N VAL A 166 22.59 -15.41 3.47
CA VAL A 166 23.38 -14.20 3.27
C VAL A 166 24.32 -14.38 2.09
N VAL A 167 24.96 -15.55 1.99
CA VAL A 167 25.88 -15.75 0.86
C VAL A 167 25.13 -15.72 -0.48
N LEU A 168 24.01 -16.43 -0.57
CA LEU A 168 23.28 -16.46 -1.83
C LEU A 168 22.69 -15.11 -2.19
N LYS A 169 22.18 -14.37 -1.19
CA LYS A 169 21.58 -13.07 -1.48
C LYS A 169 22.66 -12.08 -1.88
N ASN A 170 23.84 -12.16 -1.27
CA ASN A 170 24.89 -11.24 -1.67
C ASN A 170 25.35 -11.56 -3.09
N GLU A 171 25.38 -12.85 -3.45
CA GLU A 171 25.77 -13.20 -4.82
C GLU A 171 24.75 -12.64 -5.80
N MET A 172 23.46 -12.77 -5.47
CA MET A 172 22.40 -12.24 -6.31
C MET A 172 22.55 -10.73 -6.46
N ALA A 173 22.71 -10.04 -5.33
CA ALA A 173 22.81 -8.57 -5.36
C ALA A 173 24.01 -8.12 -6.17
N ARG A 174 25.13 -8.82 -6.07
CA ARG A 174 26.30 -8.43 -6.85
C ARG A 174 26.04 -8.64 -8.33
N ALA A 175 25.32 -9.72 -8.67
CA ALA A 175 24.99 -10.00 -10.06
C ALA A 175 24.03 -8.95 -10.64
N ASN A 176 23.28 -8.22 -9.81
CA ASN A 176 22.40 -7.13 -10.24
C ASN A 176 23.09 -5.76 -10.19
N HIS A 177 24.42 -5.73 -10.05
CA HIS A 177 25.23 -4.51 -10.03
C HIS A 177 25.00 -3.66 -8.78
N TYR A 178 24.81 -4.32 -7.65
CA TYR A 178 24.74 -3.68 -6.35
C TYR A 178 25.96 -4.08 -5.53
N GLU A 179 26.43 -3.19 -4.66
CA GLU A 179 27.60 -3.51 -3.85
C GLU A 179 27.35 -4.74 -2.97
N ASP A 180 26.14 -4.85 -2.43
CA ASP A 180 25.73 -5.97 -1.59
C ASP A 180 24.20 -6.00 -1.55
N TYR A 181 23.64 -6.97 -0.82
CA TYR A 181 22.18 -7.02 -0.73
C TYR A 181 21.63 -5.83 0.05
N GLY A 182 22.45 -5.23 0.90
CA GLY A 182 22.03 -4.06 1.63
C GLY A 182 21.73 -2.93 0.67
N ASP A 183 22.55 -2.83 -0.39
CA ASP A 183 22.31 -1.82 -1.39
C ASP A 183 21.09 -2.19 -2.21
N TYR A 184 20.83 -3.47 -2.41
CA TYR A 184 19.61 -3.85 -3.11
C TYR A 184 18.43 -3.29 -2.34
N TRP A 185 18.37 -3.53 -1.02
CA TRP A 185 17.24 -2.99 -0.26
C TRP A 185 17.21 -1.47 -0.33
N ARG A 186 18.38 -0.84 -0.23
CA ARG A 186 18.39 0.62 -0.19
C ARG A 186 18.13 1.24 -1.55
N GLY A 187 18.01 0.43 -2.61
CA GLY A 187 17.73 0.98 -3.92
C GLY A 187 16.34 1.56 -4.02
N ASP A 188 15.45 1.20 -3.08
CA ASP A 188 14.08 1.70 -3.08
C ASP A 188 14.06 3.23 -2.91
N TYR A 189 15.09 3.78 -2.27
CA TYR A 189 15.16 5.20 -1.97
C TYR A 189 16.02 5.95 -2.98
N GLU A 190 16.57 5.26 -3.97
CA GLU A 190 17.48 5.90 -4.91
C GLU A 190 16.72 6.81 -5.87
N VAL A 191 17.26 8.02 -6.08
CA VAL A 191 16.77 8.96 -7.06
C VAL A 191 17.95 9.28 -7.96
N ASN A 192 17.77 9.14 -9.27
CA ASN A 192 18.87 9.40 -10.19
C ASN A 192 18.32 9.95 -11.50
N GLY A 193 18.69 11.20 -11.80
CA GLY A 193 18.29 11.86 -13.03
C GLY A 193 17.37 13.06 -12.88
N VAL A 194 17.16 13.52 -11.65
CA VAL A 194 16.32 14.69 -11.38
C VAL A 194 17.20 15.69 -10.64
N ASP A 195 17.53 16.80 -11.30
CA ASP A 195 18.49 17.76 -10.75
C ASP A 195 17.95 18.40 -9.48
N GLY A 196 18.70 18.27 -8.38
CA GLY A 196 18.33 18.82 -7.10
C GLY A 196 17.57 17.89 -6.18
N TYR A 197 17.11 16.75 -6.69
CA TYR A 197 16.34 15.78 -5.92
C TYR A 197 17.04 14.43 -5.81
N ASP A 198 18.24 14.29 -6.38
CA ASP A 198 18.96 13.03 -6.37
C ASP A 198 19.27 12.59 -4.94
N TYR A 199 19.28 11.27 -4.74
CA TYR A 199 19.52 10.70 -3.42
C TYR A 199 20.25 9.37 -3.65
N SER A 200 21.48 9.27 -3.16
CA SER A 200 22.25 8.05 -3.38
C SER A 200 21.80 6.97 -2.41
N ARG A 201 22.18 5.73 -2.71
CA ARG A 201 21.82 4.65 -1.79
C ARG A 201 22.61 4.79 -0.50
N GLY A 202 23.91 5.12 -0.60
CA GLY A 202 24.73 5.25 0.59
C GLY A 202 24.25 6.36 1.49
N GLN A 203 23.70 7.43 0.89
CA GLN A 203 23.22 8.57 1.65
C GLN A 203 22.15 8.17 2.64
N LEU A 204 21.36 7.13 2.34
CA LEU A 204 20.30 6.74 3.25
C LEU A 204 20.88 6.37 4.60
N ILE A 205 22.05 5.74 4.61
CA ILE A 205 22.61 5.29 5.88
C ILE A 205 22.94 6.51 6.71
N GLU A 206 23.58 7.49 6.08
CA GLU A 206 24.00 8.67 6.81
C GLU A 206 22.80 9.42 7.36
N ASP A 207 21.72 9.51 6.58
CA ASP A 207 20.58 10.28 7.04
C ASP A 207 19.92 9.60 8.22
N VAL A 208 19.87 8.28 8.20
CA VAL A 208 19.26 7.56 9.31
C VAL A 208 20.07 7.80 10.56
N GLU A 209 21.39 7.74 10.45
CA GLU A 209 22.22 7.93 11.63
C GLU A 209 22.07 9.33 12.20
N HIS A 210 21.94 10.32 11.32
CA HIS A 210 21.82 11.68 11.84
C HIS A 210 20.51 11.87 12.56
N THR A 211 19.43 11.29 12.03
CA THR A 211 18.16 11.48 12.68
C THR A 211 18.15 10.74 14.00
N PHE A 212 18.86 9.62 14.07
CA PHE A 212 18.90 8.87 15.30
C PHE A 212 19.58 9.69 16.37
N GLU A 213 20.69 10.35 16.04
CA GLU A 213 21.40 11.10 17.06
C GLU A 213 20.53 12.19 17.65
N GLU A 214 19.71 12.82 16.80
CA GLU A 214 18.82 13.87 17.28
C GLU A 214 17.77 13.29 18.21
N ILE A 215 17.36 12.06 17.93
CA ILE A 215 16.35 11.41 18.76
C ILE A 215 16.93 11.03 20.11
N LYS A 216 18.22 10.55 20.16
CA LYS A 216 18.83 10.08 21.41
C LYS A 216 18.44 10.80 22.69
N PRO A 217 18.51 12.14 22.80
CA PRO A 217 18.11 12.77 24.07
C PRO A 217 16.72 12.40 24.54
N LEU A 218 15.76 12.22 23.63
CA LEU A 218 14.41 11.83 24.03
C LEU A 218 14.36 10.37 24.45
N TYR A 219 15.02 9.49 23.70
CA TYR A 219 14.98 8.07 24.00
C TYR A 219 15.62 7.78 25.33
N GLU A 220 16.75 8.41 25.62
CA GLU A 220 17.46 8.17 26.86
C GLU A 220 16.58 8.52 28.05
N HIS A 221 15.78 9.58 27.95
CA HIS A 221 14.93 9.89 29.07
C HIS A 221 13.76 8.91 29.20
N LEU A 222 13.20 8.47 28.06
CA LEU A 222 12.08 7.51 28.13
C LEU A 222 12.54 6.21 28.75
N HIS A 223 13.70 5.77 28.32
CA HIS A 223 14.31 4.54 28.78
C HIS A 223 14.51 4.61 30.28
N ALA A 224 15.10 5.72 30.76
CA ALA A 224 15.37 5.82 32.19
C ALA A 224 14.09 5.77 32.99
N TYR A 225 13.03 6.42 32.50
CA TYR A 225 11.75 6.40 33.20
C TYR A 225 11.23 4.98 33.32
N VAL A 226 11.29 4.24 32.22
CA VAL A 226 10.79 2.88 32.21
C VAL A 226 11.59 2.05 33.18
N ARG A 227 12.91 2.25 33.22
CA ARG A 227 13.75 1.49 34.12
C ARG A 227 13.30 1.65 35.56
N ALA A 228 13.02 2.89 36.00
CA ALA A 228 12.61 3.09 37.38
C ALA A 228 11.35 2.32 37.70
N LYS A 229 10.39 2.32 36.76
CA LYS A 229 9.14 1.62 37.02
C LYS A 229 9.35 0.13 37.05
N LEU A 230 10.25 -0.36 36.19
CA LEU A 230 10.49 -1.79 36.14
C LEU A 230 11.25 -2.22 37.36
N MET A 231 12.02 -1.32 37.98
CA MET A 231 12.71 -1.67 39.21
C MET A 231 11.70 -2.07 40.27
N ASN A 232 10.56 -1.37 40.31
CA ASN A 232 9.55 -1.74 41.28
C ASN A 232 8.91 -3.08 40.92
N ALA A 233 8.75 -3.36 39.63
CA ALA A 233 8.17 -4.63 39.19
C ALA A 233 9.06 -5.84 39.46
N TYR A 234 10.37 -5.66 39.34
CA TYR A 234 11.37 -6.73 39.51
C TYR A 234 12.47 -6.27 40.46
N PRO A 235 12.17 -6.13 41.75
CA PRO A 235 13.09 -5.43 42.67
C PRO A 235 14.55 -5.90 42.68
N SER A 236 14.82 -7.19 42.43
CA SER A 236 16.17 -7.74 42.49
C SER A 236 16.84 -8.00 41.13
N TYR A 237 16.22 -7.66 40.01
CA TYR A 237 16.76 -8.02 38.70
C TYR A 237 17.28 -6.89 37.82
N ILE A 238 17.01 -5.62 38.13
CA ILE A 238 17.38 -4.50 37.26
C ILE A 238 18.33 -3.59 38.00
N SER A 239 19.48 -3.31 37.39
CA SER A 239 20.48 -2.41 37.96
C SER A 239 20.07 -0.95 37.73
N PRO A 240 20.13 -0.08 38.75
CA PRO A 240 19.78 1.33 38.53
C PRO A 240 20.61 2.03 37.47
N ILE A 241 21.81 1.52 37.14
CA ILE A 241 22.70 2.17 36.19
C ILE A 241 22.82 1.44 34.85
N GLY A 242 22.26 0.24 34.72
CA GLY A 242 22.52 -0.60 33.56
C GLY A 242 21.39 -0.65 32.54
N CYS A 243 21.56 -1.58 31.60
CA CYS A 243 20.61 -1.85 30.53
C CYS A 243 19.45 -2.68 31.03
N LEU A 244 18.30 -2.55 30.37
CA LEU A 244 17.17 -3.35 30.78
C LEU A 244 17.35 -4.79 30.26
N PRO A 245 16.97 -5.80 31.03
CA PRO A 245 16.94 -7.16 30.47
C PRO A 245 16.00 -7.24 29.27
N ALA A 246 16.47 -7.90 28.21
CA ALA A 246 15.69 -7.98 26.98
C ALA A 246 14.37 -8.67 27.17
N HIS A 247 14.29 -9.68 28.05
CA HIS A 247 13.03 -10.42 28.15
C HIS A 247 11.97 -9.68 28.94
N LEU A 248 12.29 -8.55 29.58
CA LEU A 248 11.36 -7.80 30.41
C LEU A 248 10.72 -6.61 29.70
N LEU A 249 10.92 -6.46 28.39
CA LEU A 249 10.42 -5.30 27.66
C LEU A 249 8.98 -5.40 27.16
N GLY A 250 8.29 -6.51 27.37
CA GLY A 250 6.90 -6.60 27.00
C GLY A 250 6.59 -7.21 25.65
N ASP A 251 7.59 -7.78 24.98
CA ASP A 251 7.35 -8.39 23.68
C ASP A 251 8.39 -9.51 23.54
N MET A 252 8.34 -10.26 22.44
CA MET A 252 9.32 -11.33 22.28
C MET A 252 10.69 -10.79 21.88
N TRP A 253 10.74 -9.69 21.14
CA TRP A 253 12.01 -9.13 20.66
C TRP A 253 12.30 -7.76 21.24
N GLY A 254 11.38 -7.17 21.97
CA GLY A 254 11.54 -5.82 22.46
C GLY A 254 11.31 -4.82 21.35
N ARG A 255 10.50 -5.19 20.35
CA ARG A 255 10.26 -4.31 19.23
C ARG A 255 9.43 -3.11 19.66
N PHE A 256 8.47 -3.33 20.54
CA PHE A 256 7.59 -2.30 21.06
C PHE A 256 7.58 -2.39 22.57
N TRP A 257 7.35 -1.24 23.22
CA TRP A 257 7.21 -1.19 24.66
C TRP A 257 5.76 -0.95 25.04
N THR A 258 4.83 -1.18 24.11
CA THR A 258 3.42 -0.88 24.35
C THR A 258 2.84 -1.71 25.49
N ASN A 259 3.34 -2.92 25.69
CA ASN A 259 2.78 -3.78 26.74
C ASN A 259 3.34 -3.48 28.12
N LEU A 260 4.25 -2.51 28.24
CA LEU A 260 4.78 -2.10 29.54
C LEU A 260 3.98 -0.95 30.13
N TYR A 261 3.02 -0.41 29.36
CA TYR A 261 2.25 0.75 29.79
C TYR A 261 1.63 0.56 31.17
N SER A 262 1.08 -0.62 31.46
CA SER A 262 0.38 -0.85 32.73
C SER A 262 1.29 -0.74 33.94
N LEU A 263 2.60 -0.81 33.76
CA LEU A 263 3.57 -0.68 34.84
C LEU A 263 4.11 0.74 34.93
N THR A 264 4.12 1.46 33.80
CA THR A 264 4.75 2.76 33.65
C THR A 264 3.75 3.91 33.60
N VAL A 265 2.47 3.69 33.93
CA VAL A 265 1.45 4.71 33.74
C VAL A 265 1.79 5.95 34.57
N PRO A 266 2.00 7.12 33.96
CA PRO A 266 2.33 8.33 34.75
C PRO A 266 1.40 8.60 35.92
N PHE A 267 0.09 8.70 35.66
CA PHE A 267 -0.93 8.98 36.66
C PHE A 267 -1.97 7.87 36.60
N GLY A 268 -1.67 6.75 37.26
CA GLY A 268 -2.49 5.56 37.14
C GLY A 268 -3.89 5.67 37.75
N GLN A 269 -4.13 6.68 38.59
CA GLN A 269 -5.45 6.84 39.18
C GLN A 269 -6.49 7.36 38.18
N LYS A 270 -6.06 7.84 36.97
CA LYS A 270 -6.99 8.33 35.95
C LYS A 270 -7.00 7.40 34.73
N PRO A 271 -8.15 7.22 34.08
CA PRO A 271 -8.21 6.37 32.89
C PRO A 271 -7.62 7.02 31.64
N ASN A 272 -7.33 6.15 30.68
CA ASN A 272 -6.95 6.54 29.33
C ASN A 272 -8.24 6.73 28.55
N ILE A 273 -8.16 7.45 27.44
CA ILE A 273 -9.38 7.58 26.64
C ILE A 273 -9.66 6.27 25.96
N ASP A 274 -10.85 5.73 26.20
CA ASP A 274 -11.29 4.46 25.66
C ASP A 274 -12.77 4.67 25.41
N VAL A 275 -13.21 4.63 24.17
CA VAL A 275 -14.59 4.91 23.82
C VAL A 275 -15.35 3.64 23.44
N THR A 276 -14.82 2.47 23.81
CA THR A 276 -15.52 1.22 23.51
C THR A 276 -16.89 1.17 24.14
N ASP A 277 -17.02 1.61 25.40
CA ASP A 277 -18.31 1.55 26.06
C ASP A 277 -19.30 2.47 25.34
N ALA A 278 -18.83 3.63 24.88
CA ALA A 278 -19.72 4.53 24.17
C ALA A 278 -20.22 3.90 22.86
N MET A 279 -19.34 3.20 22.14
CA MET A 279 -19.76 2.55 20.90
C MET A 279 -20.73 1.41 21.16
N VAL A 280 -20.57 0.71 22.28
CA VAL A 280 -21.49 -0.37 22.59
C VAL A 280 -22.86 0.20 23.00
N ASP A 281 -22.86 1.23 23.85
CA ASP A 281 -24.11 1.83 24.31
C ASP A 281 -24.92 2.44 23.18
N GLN A 282 -24.26 2.95 22.15
CA GLN A 282 -24.93 3.59 21.01
C GLN A 282 -25.30 2.60 19.91
N ALA A 283 -25.11 1.31 20.13
CA ALA A 283 -25.44 0.26 19.16
C ALA A 283 -24.72 0.44 17.83
N TRP A 284 -23.42 0.71 17.89
CA TRP A 284 -22.59 0.77 16.70
C TRP A 284 -22.25 -0.63 16.21
N ASP A 285 -21.94 -0.72 14.93
CA ASP A 285 -21.47 -1.95 14.31
C ASP A 285 -20.32 -1.59 13.37
N ALA A 286 -19.83 -2.59 12.64
CA ALA A 286 -18.71 -2.36 11.73
C ALA A 286 -19.09 -1.37 10.64
N GLN A 287 -20.35 -1.42 10.20
CA GLN A 287 -20.78 -0.56 9.10
C GLN A 287 -20.73 0.91 9.52
N ARG A 288 -21.15 1.22 10.74
CA ARG A 288 -21.10 2.60 11.17
C ARG A 288 -19.66 3.07 11.36
N ILE A 289 -18.79 2.20 11.84
CA ILE A 289 -17.39 2.57 12.03
C ILE A 289 -16.76 2.95 10.69
N PHE A 290 -17.02 2.14 9.66
CA PHE A 290 -16.47 2.48 8.35
C PHE A 290 -17.15 3.72 7.75
N LYS A 291 -18.45 3.89 7.98
CA LYS A 291 -19.11 5.09 7.49
C LYS A 291 -18.57 6.35 8.16
N GLU A 292 -18.24 6.26 9.46
CA GLU A 292 -17.68 7.42 10.13
C GLU A 292 -16.29 7.72 9.60
N ALA A 293 -15.51 6.67 9.29
CA ALA A 293 -14.21 6.92 8.70
C ALA A 293 -14.40 7.60 7.35
N GLU A 294 -15.39 7.14 6.59
CA GLU A 294 -15.67 7.75 5.30
C GLU A 294 -16.00 9.22 5.49
N LYS A 295 -16.82 9.55 6.50
CA LYS A 295 -17.15 10.94 6.76
C LYS A 295 -15.89 11.74 7.05
N PHE A 296 -14.95 11.14 7.78
CA PHE A 296 -13.70 11.83 8.08
C PHE A 296 -13.00 12.23 6.79
N PHE A 297 -12.85 11.27 5.87
CA PHE A 297 -12.14 11.55 4.63
C PHE A 297 -12.91 12.51 3.73
N VAL A 298 -14.23 12.39 3.68
CA VAL A 298 -15.03 13.31 2.87
C VAL A 298 -14.91 14.72 3.41
N SER A 299 -14.95 14.85 4.73
CA SER A 299 -14.86 16.14 5.38
C SER A 299 -13.60 16.90 4.98
N VAL A 300 -12.46 16.21 4.89
CA VAL A 300 -11.20 16.87 4.53
C VAL A 300 -11.09 17.19 3.04
N GLY A 301 -12.02 16.77 2.20
CA GLY A 301 -11.94 17.04 0.77
C GLY A 301 -11.55 15.89 -0.13
N LEU A 302 -11.49 14.68 0.40
CA LEU A 302 -11.16 13.49 -0.38
C LEU A 302 -12.45 12.84 -0.89
N PRO A 303 -12.38 12.06 -1.97
CA PRO A 303 -13.61 11.48 -2.53
C PRO A 303 -14.29 10.43 -1.68
N ASN A 304 -15.56 10.22 -2.00
CA ASN A 304 -16.37 9.18 -1.39
C ASN A 304 -15.88 7.82 -1.85
N MET A 305 -16.23 6.79 -1.09
CA MET A 305 -15.87 5.44 -1.47
C MET A 305 -16.78 4.94 -2.58
N THR A 306 -16.25 4.02 -3.39
CA THR A 306 -17.03 3.55 -4.52
C THR A 306 -18.12 2.58 -4.07
N GLN A 307 -19.07 2.32 -4.97
CA GLN A 307 -20.14 1.38 -4.66
C GLN A 307 -19.57 -0.03 -4.52
N GLY A 308 -18.57 -0.35 -5.34
CA GLY A 308 -17.94 -1.66 -5.29
C GLY A 308 -17.29 -1.92 -3.95
N PHE A 309 -16.74 -0.87 -3.33
CA PHE A 309 -16.12 -1.03 -2.01
C PHE A 309 -17.16 -1.53 -1.02
N TRP A 310 -18.32 -0.88 -0.98
CA TRP A 310 -19.33 -1.26 -0.01
C TRP A 310 -19.94 -2.63 -0.32
N GLU A 311 -20.02 -3.01 -1.61
CA GLU A 311 -20.62 -4.31 -1.92
C GLU A 311 -19.67 -5.49 -1.80
N ASN A 312 -18.38 -5.32 -2.12
CA ASN A 312 -17.45 -6.44 -2.16
C ASN A 312 -16.57 -6.57 -0.93
N SER A 313 -16.42 -5.53 -0.12
CA SER A 313 -15.55 -5.64 1.04
C SER A 313 -16.13 -6.60 2.05
N MET A 314 -15.25 -7.18 2.86
CA MET A 314 -15.63 -8.09 3.95
C MET A 314 -15.27 -7.32 5.21
N LEU A 315 -16.28 -6.74 5.86
CA LEU A 315 -16.06 -5.87 7.00
C LEU A 315 -16.26 -6.57 8.34
N THR A 316 -16.90 -7.75 8.36
CA THR A 316 -17.15 -8.47 9.59
C THR A 316 -16.61 -9.90 9.46
N ASP A 317 -16.42 -10.54 10.60
CA ASP A 317 -15.97 -11.92 10.66
C ASP A 317 -17.04 -12.80 9.98
N PRO A 318 -16.71 -13.54 8.91
CA PRO A 318 -17.75 -14.36 8.25
C PRO A 318 -18.46 -15.37 9.14
N GLY A 319 -17.89 -15.76 10.26
CA GLY A 319 -18.46 -16.72 11.17
C GLY A 319 -17.66 -18.02 11.22
N ASN A 320 -18.24 -19.01 11.90
CA ASN A 320 -17.53 -20.26 12.12
C ASN A 320 -17.52 -21.19 10.92
N VAL A 321 -18.38 -20.96 9.93
CA VAL A 321 -18.46 -21.86 8.79
C VAL A 321 -17.41 -21.50 7.75
N GLN A 322 -17.34 -20.20 7.42
CA GLN A 322 -16.42 -19.67 6.41
C GLN A 322 -15.23 -19.06 7.12
N LYS A 323 -14.05 -19.66 6.95
CA LYS A 323 -12.86 -19.17 7.61
C LYS A 323 -12.22 -18.05 6.81
N ALA A 324 -11.56 -17.14 7.51
CA ALA A 324 -10.91 -16.01 6.88
C ALA A 324 -9.69 -15.61 7.70
N VAL A 325 -8.79 -14.89 7.06
CA VAL A 325 -7.60 -14.36 7.71
C VAL A 325 -7.97 -13.02 8.32
N CYS A 326 -8.06 -12.97 9.65
CA CYS A 326 -8.47 -11.75 10.35
C CYS A 326 -7.22 -10.93 10.67
N HIS A 327 -6.64 -10.40 9.60
CA HIS A 327 -5.46 -9.54 9.64
C HIS A 327 -5.82 -8.32 8.79
N PRO A 328 -6.08 -7.16 9.39
CA PRO A 328 -6.56 -6.01 8.60
C PRO A 328 -5.63 -5.67 7.44
N THR A 329 -6.20 -5.61 6.24
CA THR A 329 -5.45 -5.22 5.04
C THR A 329 -6.33 -4.40 4.12
N ALA A 330 -5.67 -3.53 3.36
CA ALA A 330 -6.28 -2.72 2.32
C ALA A 330 -5.85 -3.30 0.98
N TRP A 331 -6.82 -3.64 0.13
CA TRP A 331 -6.53 -4.25 -1.15
C TRP A 331 -6.86 -3.28 -2.28
N ASP A 332 -5.96 -3.23 -3.25
CA ASP A 332 -6.16 -2.55 -4.52
C ASP A 332 -6.01 -3.65 -5.56
N LEU A 333 -7.13 -4.10 -6.13
CA LEU A 333 -7.08 -5.23 -7.05
C LEU A 333 -6.82 -4.77 -8.47
N GLY A 334 -6.81 -3.47 -8.71
CA GLY A 334 -6.64 -2.91 -10.04
C GLY A 334 -7.97 -2.65 -10.72
N LYS A 335 -7.89 -1.82 -11.76
CA LYS A 335 -9.04 -1.49 -12.60
C LYS A 335 -10.24 -0.99 -11.78
N GLY A 336 -9.95 -0.16 -10.78
CA GLY A 336 -10.98 0.50 -10.00
C GLY A 336 -11.64 -0.30 -8.90
N ASP A 337 -11.20 -1.54 -8.65
CA ASP A 337 -11.82 -2.41 -7.65
C ASP A 337 -11.02 -2.33 -6.35
N PHE A 338 -11.53 -1.60 -5.37
CA PHE A 338 -10.87 -1.36 -4.09
C PHE A 338 -11.65 -2.06 -2.99
N ARG A 339 -10.94 -2.74 -2.08
CA ARG A 339 -11.59 -3.47 -0.99
C ARG A 339 -10.76 -3.38 0.28
N ILE A 340 -11.42 -3.54 1.43
CA ILE A 340 -10.75 -3.72 2.72
C ILE A 340 -11.14 -5.09 3.30
N LEU A 341 -10.14 -5.83 3.77
CA LEU A 341 -10.35 -7.13 4.41
C LEU A 341 -10.04 -6.95 5.89
N MET A 342 -11.08 -6.99 6.72
CA MET A 342 -10.92 -6.81 8.16
C MET A 342 -12.03 -7.59 8.84
N CYS A 343 -11.76 -8.08 10.05
CA CYS A 343 -12.75 -8.75 10.88
C CYS A 343 -13.07 -7.77 12.01
N THR A 344 -13.96 -6.83 11.70
CA THR A 344 -14.20 -5.69 12.57
C THR A 344 -15.05 -6.09 13.78
N LYS A 345 -14.58 -5.68 14.95
CA LYS A 345 -15.25 -5.86 16.22
C LYS A 345 -15.49 -4.45 16.75
N VAL A 346 -16.46 -4.27 17.65
CA VAL A 346 -16.74 -2.94 18.16
C VAL A 346 -15.79 -2.66 19.33
N THR A 347 -14.72 -1.93 19.03
CA THR A 347 -13.68 -1.54 19.97
C THR A 347 -12.97 -0.32 19.40
N MET A 348 -12.43 0.54 20.27
CA MET A 348 -11.75 1.75 19.75
C MET A 348 -10.57 1.39 18.86
N ASP A 349 -9.90 0.27 19.16
CA ASP A 349 -8.73 -0.11 18.37
C ASP A 349 -9.14 -0.41 16.93
N ASP A 350 -10.33 -0.95 16.72
CA ASP A 350 -10.77 -1.26 15.37
C ASP A 350 -11.28 0.01 14.70
N PHE A 351 -11.81 0.95 15.48
CA PHE A 351 -12.21 2.24 14.94
C PHE A 351 -11.00 2.92 14.31
N LEU A 352 -9.89 2.97 15.07
CA LEU A 352 -8.68 3.60 14.56
C LEU A 352 -8.10 2.78 13.41
N THR A 353 -8.18 1.44 13.51
CA THR A 353 -7.66 0.63 12.41
C THR A 353 -8.46 0.90 11.14
N ALA A 354 -9.78 1.07 11.27
CA ALA A 354 -10.61 1.37 10.11
C ALA A 354 -10.12 2.67 9.47
N HIS A 355 -9.72 3.64 10.28
CA HIS A 355 -9.20 4.87 9.69
C HIS A 355 -7.85 4.64 9.03
N HIS A 356 -7.04 3.76 9.60
CA HIS A 356 -5.73 3.43 9.05
C HIS A 356 -5.87 2.77 7.67
N GLU A 357 -6.75 1.77 7.58
CA GLU A 357 -6.90 1.05 6.32
C GLU A 357 -7.62 1.90 5.30
N MET A 358 -8.53 2.78 5.74
CA MET A 358 -9.16 3.68 4.79
C MET A 358 -8.12 4.68 4.29
N GLY A 359 -7.19 5.06 5.17
CA GLY A 359 -6.09 5.94 4.82
C GLY A 359 -5.25 5.33 3.71
N HIS A 360 -5.12 4.00 3.74
CA HIS A 360 -4.43 3.30 2.66
C HIS A 360 -5.27 3.27 1.38
N ILE A 361 -6.56 2.95 1.49
CA ILE A 361 -7.39 2.86 0.29
C ILE A 361 -7.47 4.20 -0.43
N GLN A 362 -7.67 5.29 0.31
CA GLN A 362 -7.64 6.61 -0.32
C GLN A 362 -6.35 6.86 -1.09
N TYR A 363 -5.24 6.28 -0.62
CA TYR A 363 -3.98 6.50 -1.30
C TYR A 363 -3.97 5.68 -2.59
N ASP A 364 -4.45 4.44 -2.50
CA ASP A 364 -4.54 3.57 -3.68
C ASP A 364 -5.43 4.19 -4.73
N MET A 365 -6.51 4.86 -4.31
CA MET A 365 -7.40 5.52 -5.23
C MET A 365 -6.76 6.75 -5.87
N ALA A 366 -6.03 7.53 -5.08
CA ALA A 366 -5.47 8.78 -5.59
C ALA A 366 -4.54 8.57 -6.78
N TYR A 367 -3.74 7.50 -6.80
CA TYR A 367 -2.81 7.27 -7.91
C TYR A 367 -3.32 6.23 -8.90
N ALA A 368 -4.61 5.92 -8.89
CA ALA A 368 -5.15 4.93 -9.81
C ALA A 368 -4.98 5.31 -11.27
N ALA A 369 -4.83 6.60 -11.57
CA ALA A 369 -4.68 7.05 -12.96
C ALA A 369 -3.26 6.91 -13.49
N GLN A 370 -2.30 6.54 -12.65
CA GLN A 370 -0.91 6.39 -13.04
C GLN A 370 -0.70 5.10 -13.83
N PRO A 371 0.38 5.01 -14.61
CA PRO A 371 0.71 3.72 -15.25
C PRO A 371 0.83 2.62 -14.20
N PHE A 372 0.47 1.40 -14.61
CA PHE A 372 0.43 0.24 -13.72
C PHE A 372 1.67 0.11 -12.83
N LEU A 373 2.86 0.23 -13.43
CA LEU A 373 4.09 -0.01 -12.66
C LEU A 373 4.38 1.08 -11.64
N LEU A 374 3.71 2.22 -11.71
CA LEU A 374 3.90 3.33 -10.79
C LEU A 374 2.79 3.43 -9.75
N ARG A 375 1.88 2.46 -9.67
CA ARG A 375 0.78 2.51 -8.71
C ARG A 375 1.23 1.94 -7.36
N ASN A 376 2.06 2.71 -6.68
CA ASN A 376 2.59 2.37 -5.37
C ASN A 376 2.92 3.67 -4.65
N GLY A 377 3.41 3.56 -3.43
CA GLY A 377 3.77 4.77 -2.71
C GLY A 377 5.09 5.28 -3.22
N ALA A 378 5.44 6.52 -2.85
CA ALA A 378 6.68 7.10 -3.34
C ALA A 378 7.86 6.20 -2.96
N ASN A 379 7.81 5.64 -1.76
CA ASN A 379 8.77 4.67 -1.27
C ASN A 379 8.03 3.76 -0.29
N GLU A 380 8.74 2.77 0.24
CA GLU A 380 8.11 1.79 1.12
C GLU A 380 7.47 2.39 2.37
N GLY A 381 7.92 3.55 2.82
CA GLY A 381 7.39 4.17 4.02
C GLY A 381 6.26 5.17 3.87
N PHE A 382 5.86 5.55 2.65
CA PHE A 382 4.80 6.56 2.52
C PHE A 382 3.42 5.99 2.78
N HIS A 383 3.16 4.75 2.37
CA HIS A 383 1.81 4.20 2.43
C HIS A 383 1.35 4.09 3.88
N GLU A 384 2.21 3.52 4.71
CA GLU A 384 1.87 3.37 6.11
C GLU A 384 1.93 4.73 6.80
N ALA A 385 2.83 5.62 6.38
CA ALA A 385 2.87 6.94 7.01
C ALA A 385 1.55 7.67 6.84
N VAL A 386 0.92 7.51 5.66
CA VAL A 386 -0.38 8.14 5.42
C VAL A 386 -1.43 7.49 6.29
N GLY A 387 -1.45 6.15 6.34
CA GLY A 387 -2.44 5.49 7.17
C GLY A 387 -2.29 5.86 8.63
N GLU A 388 -1.06 6.01 9.09
CA GLU A 388 -0.82 6.34 10.48
C GLU A 388 -1.23 7.77 10.79
N ILE A 389 -1.03 8.72 9.87
CA ILE A 389 -1.50 10.06 10.20
C ILE A 389 -3.02 10.07 10.27
N MET A 390 -3.69 9.20 9.51
CA MET A 390 -5.16 9.17 9.61
C MET A 390 -5.58 8.60 10.96
N SER A 391 -4.89 7.55 11.41
CA SER A 391 -5.22 6.99 12.72
C SER A 391 -4.92 8.00 13.80
N LEU A 392 -3.77 8.67 13.68
CA LEU A 392 -3.30 9.62 14.68
C LEU A 392 -4.29 10.76 14.86
N SER A 393 -4.84 11.27 13.75
CA SER A 393 -5.83 12.34 13.85
C SER A 393 -7.13 11.83 14.43
N ALA A 394 -7.62 10.67 13.97
CA ALA A 394 -8.89 10.15 14.45
C ALA A 394 -8.93 9.94 15.96
N ALA A 395 -7.79 9.60 16.57
CA ALA A 395 -7.70 9.32 18.00
C ALA A 395 -7.80 10.55 18.90
N THR A 396 -7.59 11.77 18.40
CA THR A 396 -7.55 12.92 19.28
C THR A 396 -8.90 13.15 19.96
N PRO A 397 -8.92 13.54 21.25
CA PRO A 397 -10.21 13.80 21.94
C PRO A 397 -11.17 14.72 21.20
N LYS A 398 -10.67 15.74 20.49
CA LYS A 398 -11.54 16.65 19.75
C LYS A 398 -12.39 15.87 18.75
N HIS A 399 -11.78 14.86 18.12
CA HIS A 399 -12.49 14.08 17.11
C HIS A 399 -13.58 13.28 17.79
N LEU A 400 -13.24 12.64 18.91
CA LEU A 400 -14.19 11.77 19.57
C LEU A 400 -15.38 12.57 20.07
N LYS A 401 -15.13 13.80 20.54
CA LYS A 401 -16.27 14.63 20.98
C LYS A 401 -17.13 15.03 19.81
N SER A 402 -16.51 15.38 18.68
CA SER A 402 -17.30 15.83 17.53
C SER A 402 -18.12 14.70 16.92
N ILE A 403 -17.57 13.47 16.86
CA ILE A 403 -18.37 12.38 16.32
C ILE A 403 -19.44 11.91 17.31
N GLY A 404 -19.25 12.19 18.60
CA GLY A 404 -20.25 11.87 19.61
C GLY A 404 -19.96 10.69 20.53
N LEU A 405 -18.72 10.17 20.56
CA LEU A 405 -18.40 9.04 21.43
C LEU A 405 -17.80 9.46 22.76
N LEU A 406 -17.12 10.60 22.81
CA LEU A 406 -16.52 11.11 24.04
C LEU A 406 -17.51 12.15 24.56
N SER A 407 -17.78 12.11 25.87
CA SER A 407 -18.80 12.96 26.46
C SER A 407 -18.60 14.43 26.08
N PRO A 408 -19.67 15.15 25.70
CA PRO A 408 -19.50 16.58 25.37
C PRO A 408 -18.83 17.42 26.44
N ASP A 409 -18.99 17.07 27.72
CA ASP A 409 -18.41 17.84 28.82
C ASP A 409 -17.11 17.24 29.36
N PHE A 410 -16.50 16.29 28.65
CA PHE A 410 -15.22 15.75 29.10
C PHE A 410 -14.21 16.89 29.03
N GLN A 411 -13.40 17.03 30.08
CA GLN A 411 -12.39 18.07 30.15
C GLN A 411 -10.99 17.46 30.15
N GLU A 412 -10.23 17.71 29.07
CA GLU A 412 -8.85 17.24 29.02
C GLU A 412 -7.99 18.04 29.97
N ASP A 413 -7.00 17.39 30.56
CA ASP A 413 -6.02 18.07 31.39
C ASP A 413 -4.63 17.53 31.07
N ASN A 414 -3.62 18.08 31.75
CA ASN A 414 -2.25 17.71 31.43
C ASN A 414 -1.90 16.29 31.87
N GLU A 415 -2.50 15.76 32.92
CA GLU A 415 -2.17 14.39 33.31
C GLU A 415 -2.66 13.38 32.28
N THR A 416 -3.84 13.62 31.71
CA THR A 416 -4.34 12.73 30.67
C THR A 416 -3.46 12.82 29.43
N GLU A 417 -3.05 14.04 29.08
CA GLU A 417 -2.21 14.23 27.90
C GLU A 417 -0.88 13.52 28.09
N ILE A 418 -0.32 13.56 29.29
CA ILE A 418 0.92 12.84 29.56
C ILE A 418 0.71 11.34 29.47
N ASN A 419 -0.41 10.83 30.01
CA ASN A 419 -0.63 9.38 29.91
C ASN A 419 -0.73 8.95 28.45
N PHE A 420 -1.42 9.77 27.65
CA PHE A 420 -1.57 9.50 26.22
C PHE A 420 -0.21 9.51 25.54
N LEU A 421 0.57 10.56 25.79
CA LEU A 421 1.86 10.69 25.14
C LEU A 421 2.81 9.60 25.57
N LEU A 422 2.78 9.15 26.83
CA LEU A 422 3.68 8.07 27.18
C LEU A 422 3.30 6.83 26.40
N LYS A 423 2.00 6.52 26.33
CA LYS A 423 1.59 5.32 25.58
C LYS A 423 2.08 5.41 24.14
N GLN A 424 1.95 6.61 23.55
CA GLN A 424 2.41 6.78 22.18
C GLN A 424 3.92 6.65 22.12
N ALA A 425 4.64 7.19 23.11
CA ALA A 425 6.09 7.09 23.10
C ALA A 425 6.53 5.64 23.20
N LEU A 426 5.81 4.85 23.99
CA LEU A 426 6.16 3.44 24.14
C LEU A 426 5.96 2.69 22.84
N THR A 427 4.98 3.09 22.02
CA THR A 427 4.73 2.39 20.76
C THR A 427 5.45 2.99 19.54
N ILE A 428 5.79 4.27 19.57
CA ILE A 428 6.42 4.97 18.45
C ILE A 428 7.92 5.19 18.66
N VAL A 429 8.32 5.62 19.86
CA VAL A 429 9.73 5.97 20.12
C VAL A 429 10.52 4.75 20.57
N GLY A 430 9.94 3.89 21.41
CA GLY A 430 10.67 2.73 21.89
C GLY A 430 11.03 1.73 20.80
N THR A 431 10.41 1.84 19.61
CA THR A 431 10.67 0.95 18.49
C THR A 431 11.71 1.49 17.52
N LEU A 432 12.10 2.75 17.63
CA LEU A 432 13.00 3.34 16.63
C LEU A 432 14.41 2.80 16.84
N PRO A 433 15.00 2.86 18.05
CA PRO A 433 16.33 2.26 18.22
C PRO A 433 16.38 0.81 17.80
N PHE A 434 15.30 0.06 18.02
CA PHE A 434 15.27 -1.35 17.64
C PHE A 434 15.37 -1.48 16.13
N THR A 435 14.54 -0.73 15.39
CA THR A 435 14.53 -0.83 13.94
C THR A 435 15.86 -0.40 13.37
N TYR A 436 16.39 0.72 13.87
CA TYR A 436 17.68 1.21 13.41
C TYR A 436 18.79 0.20 13.66
N MET A 437 18.90 -0.31 14.89
CA MET A 437 19.95 -1.25 15.22
C MET A 437 19.83 -2.54 14.41
N LEU A 438 18.61 -3.05 14.23
CA LEU A 438 18.43 -4.27 13.47
C LEU A 438 18.81 -4.07 12.01
N GLU A 439 18.32 -3.00 11.40
CA GLU A 439 18.62 -2.82 9.98
C GLU A 439 20.11 -2.59 9.81
N LYS A 440 20.71 -1.83 10.73
CA LYS A 440 22.14 -1.54 10.67
C LYS A 440 22.93 -2.83 10.78
N TRP A 441 22.49 -3.73 11.68
CA TRP A 441 23.17 -5.01 11.80
C TRP A 441 23.10 -5.79 10.50
N ARG A 442 21.91 -5.87 9.88
CA ARG A 442 21.86 -6.64 8.65
C ARG A 442 22.73 -5.99 7.58
N TRP A 443 22.72 -4.66 7.51
CA TRP A 443 23.53 -3.99 6.50
C TRP A 443 25.00 -4.36 6.69
N MET A 444 25.47 -4.34 7.94
CA MET A 444 26.86 -4.69 8.17
C MET A 444 27.13 -6.17 7.89
N VAL A 445 26.14 -7.04 8.13
CA VAL A 445 26.30 -8.47 7.83
C VAL A 445 26.38 -8.71 6.32
N PHE A 446 25.48 -8.09 5.56
CA PHE A 446 25.48 -8.30 4.11
C PHE A 446 26.70 -7.67 3.48
N LYS A 447 27.07 -6.47 3.94
CA LYS A 447 28.23 -5.78 3.41
C LYS A 447 29.50 -6.61 3.61
N GLY A 448 29.59 -7.32 4.73
CA GLY A 448 30.75 -8.13 5.06
C GLY A 448 31.64 -7.55 6.13
N GLU A 449 31.18 -6.53 6.87
CA GLU A 449 31.98 -5.95 7.94
C GLU A 449 32.03 -6.81 9.19
N ILE A 450 30.98 -7.59 9.46
CA ILE A 450 30.93 -8.46 10.64
C ILE A 450 31.23 -9.88 10.18
N PRO A 451 32.32 -10.51 10.61
CA PRO A 451 32.59 -11.87 10.16
C PRO A 451 31.57 -12.81 10.80
N LYS A 452 31.35 -13.97 10.16
CA LYS A 452 30.35 -14.88 10.70
C LYS A 452 30.65 -15.29 12.14
N ASP A 453 31.93 -15.43 12.47
CA ASP A 453 32.35 -15.88 13.80
C ASP A 453 32.02 -14.87 14.89
N GLN A 454 31.68 -13.63 14.54
CA GLN A 454 31.31 -12.60 15.51
C GLN A 454 29.89 -12.08 15.30
N TRP A 455 29.02 -12.78 14.57
CA TRP A 455 27.69 -12.23 14.30
C TRP A 455 26.92 -11.92 15.57
N MET A 456 26.92 -12.84 16.52
CA MET A 456 26.19 -12.58 17.75
C MET A 456 26.96 -11.70 18.71
N LYS A 457 28.29 -11.83 18.77
CA LYS A 457 29.05 -10.98 19.67
C LYS A 457 28.77 -9.51 19.39
N LYS A 458 28.85 -9.16 18.11
CA LYS A 458 28.66 -7.80 17.68
C LYS A 458 27.21 -7.42 17.88
N TRP A 459 26.30 -8.35 17.62
CA TRP A 459 24.88 -8.09 17.80
C TRP A 459 24.59 -7.58 19.19
N TRP A 460 25.08 -8.28 20.21
CA TRP A 460 24.73 -7.84 21.55
C TRP A 460 25.42 -6.55 21.93
N GLU A 461 26.63 -6.30 21.42
CA GLU A 461 27.23 -5.02 21.78
C GLU A 461 26.42 -3.88 21.21
N MET A 462 25.96 -4.03 19.97
CA MET A 462 25.18 -2.96 19.36
C MET A 462 23.88 -2.78 20.11
N LYS A 463 23.27 -3.87 20.58
CA LYS A 463 21.99 -3.70 21.25
C LYS A 463 22.18 -2.91 22.52
N ARG A 464 23.27 -3.16 23.23
CA ARG A 464 23.54 -2.42 24.45
C ARG A 464 23.85 -0.95 24.16
N GLU A 465 24.59 -0.67 23.09
CA GLU A 465 25.00 0.71 22.79
C GLU A 465 23.87 1.61 22.26
N ILE A 466 23.02 1.07 21.41
CA ILE A 466 21.99 1.85 20.73
C ILE A 466 20.67 1.80 21.47
N VAL A 467 20.25 0.59 21.84
CA VAL A 467 18.91 0.40 22.40
C VAL A 467 18.95 0.49 23.92
N GLY A 468 20.01 -0.02 24.54
CA GLY A 468 20.12 -0.01 25.98
C GLY A 468 19.57 -1.27 26.58
N VAL A 469 19.64 -2.38 25.86
CA VAL A 469 19.12 -3.68 26.27
C VAL A 469 20.24 -4.71 26.29
N VAL A 470 20.30 -5.48 27.37
CA VAL A 470 21.35 -6.47 27.60
C VAL A 470 20.71 -7.85 27.69
N GLU A 471 21.37 -8.83 27.07
CA GLU A 471 20.88 -10.20 27.09
C GLU A 471 20.85 -10.71 28.53
N PRO A 472 19.82 -11.47 28.93
CA PRO A 472 19.82 -12.01 30.30
C PRO A 472 20.79 -13.16 30.48
N VAL A 473 21.18 -13.83 29.39
CA VAL A 473 22.12 -14.95 29.45
C VAL A 473 23.08 -14.81 28.28
N PRO A 474 24.28 -15.37 28.38
CA PRO A 474 25.19 -15.32 27.21
C PRO A 474 24.74 -16.25 26.10
N HIS A 475 25.09 -15.86 24.87
CA HIS A 475 24.87 -16.65 23.67
C HIS A 475 26.13 -16.76 22.84
N ASP A 476 26.46 -17.99 22.43
CA ASP A 476 27.61 -18.27 21.59
C ASP A 476 27.17 -18.17 20.13
N GLU A 477 28.02 -18.59 19.20
CA GLU A 477 27.73 -18.42 17.78
C GLU A 477 26.83 -19.50 17.19
N THR A 478 26.24 -20.39 17.98
CA THR A 478 25.31 -21.39 17.47
C THR A 478 23.88 -20.88 17.39
N TYR A 479 23.60 -19.73 17.97
CA TYR A 479 22.31 -19.06 18.04
C TYR A 479 22.18 -18.10 16.87
N CYS A 480 20.94 -17.75 16.52
CA CYS A 480 20.72 -16.68 15.54
C CYS A 480 19.54 -15.84 16.05
N ASP A 481 19.85 -14.92 16.98
CA ASP A 481 18.80 -14.09 17.56
C ASP A 481 18.05 -13.28 16.52
N PRO A 482 18.71 -12.52 15.63
CA PRO A 482 17.97 -11.70 14.64
C PRO A 482 16.94 -12.48 13.84
N ALA A 483 17.24 -13.75 13.51
CA ALA A 483 16.37 -14.55 12.68
C ALA A 483 15.14 -15.04 13.43
N SER A 484 15.06 -14.79 14.74
CA SER A 484 13.91 -15.21 15.51
C SER A 484 12.72 -14.29 15.28
N LEU A 485 12.91 -13.16 14.60
CA LEU A 485 11.89 -12.19 14.26
C LEU A 485 11.36 -12.46 12.87
N PHE A 486 10.03 -12.30 12.71
CA PHE A 486 9.38 -12.53 11.41
C PHE A 486 10.07 -11.82 10.26
N HIS A 487 10.46 -10.56 10.44
CA HIS A 487 10.96 -9.78 9.32
C HIS A 487 12.40 -10.07 8.98
N VAL A 488 13.08 -10.96 9.69
CA VAL A 488 14.45 -11.34 9.40
C VAL A 488 14.52 -12.73 8.82
N SER A 489 13.75 -13.68 9.39
CA SER A 489 13.70 -15.02 8.84
C SER A 489 13.16 -14.96 7.42
N ASN A 490 12.12 -14.16 7.21
CA ASN A 490 11.57 -13.95 5.89
C ASN A 490 12.31 -12.77 5.26
N ASP A 491 12.32 -12.73 3.93
CA ASP A 491 13.11 -11.73 3.20
C ASP A 491 12.38 -10.39 3.11
N TYR A 492 12.39 -9.63 4.21
CA TYR A 492 11.75 -8.33 4.26
C TYR A 492 12.75 -7.25 4.68
N SER A 493 12.48 -6.02 4.21
CA SER A 493 13.23 -4.84 4.57
C SER A 493 12.60 -4.26 5.84
N PHE A 494 13.40 -4.09 6.91
CA PHE A 494 12.84 -3.61 8.17
C PHE A 494 12.97 -2.11 8.33
N ILE A 495 13.80 -1.43 7.51
CA ILE A 495 13.99 0.01 7.67
C ILE A 495 12.70 0.76 7.43
N ARG A 496 11.73 0.12 6.75
CA ARG A 496 10.44 0.73 6.49
C ARG A 496 9.84 1.34 7.74
N TYR A 497 10.04 0.71 8.89
CA TYR A 497 9.41 1.20 10.10
C TYR A 497 10.12 2.41 10.68
N TYR A 498 11.44 2.57 10.50
CA TYR A 498 12.09 3.77 11.03
C TYR A 498 11.73 4.98 10.19
N THR A 499 11.88 4.83 8.88
CA THR A 499 11.66 5.91 7.94
C THR A 499 10.20 6.34 7.99
N ARG A 500 9.30 5.36 8.00
CA ARG A 500 7.88 5.65 8.02
C ARG A 500 7.52 6.46 9.24
N THR A 501 8.09 6.13 10.40
CA THR A 501 7.72 6.87 11.60
C THR A 501 8.06 8.35 11.46
N LEU A 502 9.23 8.66 10.92
CA LEU A 502 9.55 10.08 10.82
C LEU A 502 8.62 10.75 9.81
N TYR A 503 8.27 10.05 8.72
CA TYR A 503 7.39 10.66 7.74
C TYR A 503 6.04 10.96 8.38
N GLN A 504 5.57 10.05 9.23
CA GLN A 504 4.27 10.19 9.88
C GLN A 504 4.16 11.54 10.55
N PHE A 505 5.21 11.94 11.27
CA PHE A 505 5.12 13.22 11.94
C PHE A 505 5.35 14.39 11.01
N GLN A 506 6.20 14.23 9.99
CA GLN A 506 6.45 15.34 9.07
C GLN A 506 5.17 15.73 8.36
N PHE A 507 4.37 14.75 7.98
CA PHE A 507 3.13 15.03 7.31
C PHE A 507 2.15 15.67 8.27
N GLN A 508 2.06 15.12 9.48
CA GLN A 508 1.05 15.61 10.42
C GLN A 508 1.26 17.07 10.78
N GLU A 509 2.51 17.48 10.95
CA GLU A 509 2.75 18.87 11.33
C GLU A 509 2.39 19.79 10.18
N ALA A 510 2.77 19.41 8.96
CA ALA A 510 2.47 20.27 7.82
C ALA A 510 0.96 20.41 7.65
N LEU A 511 0.22 19.33 7.89
CA LEU A 511 -1.21 19.39 7.72
C LEU A 511 -1.82 20.27 8.79
N CYS A 512 -1.24 20.24 9.98
CA CYS A 512 -1.69 21.07 11.08
C CYS A 512 -1.46 22.53 10.76
N GLN A 513 -0.41 22.83 9.98
CA GLN A 513 -0.21 24.21 9.56
C GLN A 513 -1.30 24.61 8.58
N ALA A 514 -1.66 23.71 7.67
CA ALA A 514 -2.71 23.99 6.71
C ALA A 514 -4.03 24.24 7.42
N ALA A 515 -4.28 23.55 8.53
CA ALA A 515 -5.50 23.68 9.31
C ALA A 515 -5.51 24.87 10.24
N LYS A 516 -4.41 25.63 10.31
CA LYS A 516 -4.31 26.79 11.18
C LYS A 516 -4.56 26.37 12.63
N HIS A 517 -4.03 25.21 12.99
CA HIS A 517 -4.14 24.69 14.34
C HIS A 517 -3.19 25.44 15.28
N GLU A 518 -3.68 25.73 16.48
CA GLU A 518 -2.90 26.34 17.53
C GLU A 518 -2.88 25.42 18.73
N GLY A 519 -1.75 25.40 19.44
CA GLY A 519 -1.60 24.56 20.61
C GLY A 519 -0.76 23.33 20.32
N PRO A 520 -0.64 22.44 21.30
CA PRO A 520 0.22 21.26 21.15
C PRO A 520 -0.15 20.42 19.93
N LEU A 521 0.89 19.98 19.21
CA LEU A 521 0.72 19.21 17.99
C LEU A 521 -0.05 17.91 18.22
N HIS A 522 0.13 17.26 19.37
CA HIS A 522 -0.50 15.95 19.55
C HIS A 522 -2.02 16.02 19.65
N LYS A 523 -2.59 17.20 19.89
CA LYS A 523 -4.04 17.39 19.95
C LYS A 523 -4.64 17.77 18.60
N CYS A 524 -3.80 17.93 17.57
CA CYS A 524 -4.25 18.40 16.27
C CYS A 524 -5.25 17.46 15.62
N ASP A 525 -6.32 18.05 15.11
CA ASP A 525 -7.41 17.37 14.42
C ASP A 525 -7.53 18.00 13.04
N ILE A 526 -7.30 17.23 11.98
CA ILE A 526 -7.33 17.79 10.62
C ILE A 526 -8.70 17.60 9.96
N SER A 527 -9.73 17.30 10.75
CA SER A 527 -11.08 17.19 10.22
C SER A 527 -11.51 18.52 9.62
N ASN A 528 -12.38 18.45 8.62
CA ASN A 528 -12.75 19.61 7.80
C ASN A 528 -11.42 20.09 7.24
N SER A 529 -11.08 21.39 7.34
CA SER A 529 -9.79 21.91 6.89
C SER A 529 -9.39 21.40 5.49
N THR A 530 -10.19 21.76 4.49
CA THR A 530 -9.96 21.18 3.16
C THR A 530 -8.63 21.59 2.56
N GLU A 531 -7.96 22.61 3.12
CA GLU A 531 -6.61 22.97 2.64
C GLU A 531 -5.65 21.83 2.92
N ALA A 532 -5.78 21.17 4.07
CA ALA A 532 -4.88 20.08 4.42
C ALA A 532 -5.15 18.88 3.51
N GLY A 533 -6.43 18.65 3.22
CA GLY A 533 -6.76 17.54 2.36
C GLY A 533 -6.19 17.73 0.97
N GLN A 534 -6.32 18.95 0.42
CA GLN A 534 -5.80 19.19 -0.92
C GLN A 534 -4.28 19.10 -0.91
N LYS A 535 -3.63 19.59 0.16
CA LYS A 535 -2.19 19.54 0.26
C LYS A 535 -1.71 18.10 0.24
N LEU A 536 -2.40 17.23 0.97
CA LEU A 536 -2.00 15.82 0.99
C LEU A 536 -2.31 15.16 -0.34
N PHE A 537 -3.49 15.44 -0.91
CA PHE A 537 -3.91 14.82 -2.16
C PHE A 537 -2.92 15.07 -3.28
N ASN A 538 -2.39 16.30 -3.36
CA ASN A 538 -1.46 16.63 -4.45
C ASN A 538 -0.26 15.71 -4.44
N MET A 539 0.11 15.17 -3.28
CA MET A 539 1.21 14.23 -3.18
C MET A 539 0.70 12.81 -3.40
N LEU A 540 -0.46 12.49 -2.83
CA LEU A 540 -0.96 11.12 -2.89
C LEU A 540 -1.21 10.67 -4.32
N ARG A 541 -1.67 11.59 -5.18
CA ARG A 541 -2.01 11.16 -6.53
C ARG A 541 -0.79 10.84 -7.39
N LEU A 542 0.42 11.16 -6.92
CA LEU A 542 1.60 10.98 -7.76
C LEU A 542 2.11 9.55 -7.82
N GLY A 543 1.82 8.72 -6.82
CA GLY A 543 2.38 7.38 -6.82
C GLY A 543 3.89 7.44 -6.86
N LYS A 544 4.49 6.67 -7.77
CA LYS A 544 5.94 6.63 -7.97
C LYS A 544 6.40 7.46 -9.16
N SER A 545 5.51 8.26 -9.76
CA SER A 545 5.89 8.99 -10.96
C SER A 545 6.92 10.08 -10.68
N GLU A 546 7.06 10.51 -9.43
CA GLU A 546 8.01 11.55 -9.04
C GLU A 546 8.97 11.04 -7.96
N PRO A 547 10.17 11.59 -7.87
CA PRO A 547 11.08 11.22 -6.77
C PRO A 547 10.40 11.42 -5.42
N TRP A 548 10.64 10.51 -4.49
CA TRP A 548 10.02 10.66 -3.17
C TRP A 548 10.44 11.96 -2.49
N THR A 549 11.61 12.51 -2.84
CA THR A 549 12.05 13.76 -2.22
C THR A 549 11.17 14.92 -2.65
N LEU A 550 10.61 14.84 -3.86
CA LEU A 550 9.72 15.89 -4.34
C LEU A 550 8.33 15.65 -3.78
N ALA A 551 7.91 14.39 -3.74
CA ALA A 551 6.59 14.07 -3.19
C ALA A 551 6.54 14.53 -1.75
N LEU A 552 7.65 14.40 -1.02
CA LEU A 552 7.71 14.88 0.35
C LEU A 552 7.72 16.40 0.40
N GLU A 553 8.51 17.04 -0.47
CA GLU A 553 8.58 18.50 -0.47
C GLU A 553 7.21 19.11 -0.71
N ASN A 554 6.40 18.48 -1.57
CA ASN A 554 5.09 19.01 -1.89
C ASN A 554 4.15 19.05 -0.67
N VAL A 555 4.44 18.30 0.38
CA VAL A 555 3.60 18.26 1.58
C VAL A 555 4.24 19.00 2.76
N VAL A 556 5.54 18.81 3.00
CA VAL A 556 6.16 19.32 4.23
C VAL A 556 7.16 20.44 3.99
N GLY A 557 7.47 20.78 2.75
CA GLY A 557 8.43 21.84 2.52
C GLY A 557 9.88 21.45 2.68
N ALA A 558 10.21 20.16 2.51
CA ALA A 558 11.58 19.70 2.65
C ALA A 558 11.81 18.54 1.70
N LYS A 559 13.08 18.34 1.32
CA LYS A 559 13.47 17.30 0.38
C LYS A 559 14.09 16.08 1.06
N ASN A 560 14.03 15.98 2.38
CA ASN A 560 14.65 14.85 3.06
C ASN A 560 13.90 14.55 4.34
N MET A 561 14.38 13.53 5.04
CA MET A 561 13.83 13.12 6.32
C MET A 561 14.24 14.13 7.39
N ASN A 562 13.42 14.27 8.43
CA ASN A 562 13.76 15.12 9.56
C ASN A 562 13.17 14.45 10.81
N VAL A 563 13.43 15.04 11.99
CA VAL A 563 12.91 14.55 13.25
C VAL A 563 12.15 15.59 14.05
N ARG A 564 12.29 16.87 13.71
CA ARG A 564 11.67 17.93 14.52
C ARG A 564 10.17 17.71 14.72
N PRO A 565 9.37 17.39 13.69
CA PRO A 565 7.94 17.12 13.95
C PRO A 565 7.71 16.05 15.02
N LEU A 566 8.59 15.04 15.09
CA LEU A 566 8.40 14.00 16.09
C LEU A 566 8.72 14.53 17.47
N LEU A 567 9.81 15.29 17.61
CA LEU A 567 10.20 15.79 18.91
C LEU A 567 9.19 16.82 19.39
N ASN A 568 8.59 17.56 18.47
CA ASN A 568 7.57 18.54 18.83
C ASN A 568 6.32 17.83 19.28
N TYR A 569 5.97 16.72 18.61
CA TYR A 569 4.80 15.94 19.00
C TYR A 569 4.90 15.52 20.46
N PHE A 570 6.08 15.03 20.86
CA PHE A 570 6.32 14.54 22.21
C PHE A 570 6.96 15.57 23.12
N GLU A 571 7.05 16.84 22.71
CA GLU A 571 7.71 17.88 23.51
C GLU A 571 7.26 17.95 24.98
N PRO A 572 5.96 18.02 25.30
CA PRO A 572 5.59 18.07 26.72
C PRO A 572 5.91 16.79 27.46
N LEU A 573 6.02 15.67 26.73
CA LEU A 573 6.39 14.44 27.40
C LEU A 573 7.85 14.49 27.74
N PHE A 574 8.67 15.03 26.84
CA PHE A 574 10.10 15.13 27.07
C PHE A 574 10.34 15.99 28.29
N THR A 575 9.66 17.12 28.37
CA THR A 575 9.83 18.00 29.53
C THR A 575 9.40 17.28 30.81
N TRP A 576 8.25 16.59 30.78
CA TRP A 576 7.81 15.86 31.96
C TRP A 576 8.80 14.78 32.37
N LEU A 577 9.32 14.03 31.40
CA LEU A 577 10.29 12.98 31.71
C LEU A 577 11.56 13.58 32.30
N LYS A 578 12.00 14.71 31.75
CA LYS A 578 13.20 15.35 32.31
C LYS A 578 12.96 15.71 33.76
N ASP A 579 11.73 16.13 34.08
CA ASP A 579 11.42 16.47 35.46
C ASP A 579 11.39 15.23 36.34
N GLN A 580 10.79 14.14 35.86
CA GLN A 580 10.69 12.91 36.66
C GLN A 580 12.04 12.30 36.97
N ASN A 581 13.01 12.45 36.07
CA ASN A 581 14.33 11.85 36.15
C ASN A 581 15.37 12.73 36.85
N LYS A 582 14.97 13.82 37.51
CA LYS A 582 15.99 14.70 38.09
C LYS A 582 16.84 13.99 39.14
N ASN A 583 16.31 12.95 39.79
CA ASN A 583 17.04 12.15 40.79
C ASN A 583 17.49 10.80 40.27
N SER A 584 17.44 10.57 38.96
CA SER A 584 17.82 9.31 38.36
C SER A 584 18.95 9.53 37.36
N PHE A 585 19.69 8.47 37.13
CA PHE A 585 20.72 8.46 36.10
C PHE A 585 20.06 8.35 34.74
N VAL A 586 20.48 9.19 33.79
CA VAL A 586 19.95 9.17 32.43
C VAL A 586 21.10 8.71 31.55
N GLY A 587 20.85 7.69 30.77
CA GLY A 587 21.83 7.02 29.96
C GLY A 587 22.07 5.66 30.58
N TRP A 588 23.08 4.96 30.08
CA TRP A 588 23.33 3.62 30.59
C TRP A 588 24.78 3.18 30.42
N SER A 589 25.18 2.25 31.26
CA SER A 589 26.43 1.52 31.19
C SER A 589 26.22 0.26 30.35
N THR A 590 27.24 -0.14 29.61
CA THR A 590 27.17 -1.33 28.78
C THR A 590 27.90 -2.52 29.37
N ASP A 591 28.43 -2.41 30.59
CA ASP A 591 29.17 -3.50 31.22
C ASP A 591 28.29 -4.43 32.05
N TRP A 592 27.21 -3.91 32.63
CA TRP A 592 26.36 -4.72 33.49
C TRP A 592 25.46 -5.63 32.67
N SER A 593 25.25 -6.84 33.16
CA SER A 593 24.29 -7.78 32.57
C SER A 593 23.70 -8.63 33.69
N PRO A 594 22.46 -9.12 33.53
CA PRO A 594 21.92 -10.07 34.53
C PRO A 594 22.84 -11.25 34.79
N TYR A 595 23.50 -11.73 33.74
CA TYR A 595 24.45 -12.84 33.87
C TYR A 595 25.57 -12.50 34.84
N ALA A 596 26.19 -11.33 34.65
CA ALA A 596 27.30 -10.88 35.49
C ALA A 596 26.93 -9.60 36.22
N CYS B 19 -40.08 5.19 -35.54
CA CYS B 19 -38.88 4.60 -36.12
C CYS B 19 -38.30 3.49 -35.24
N PRO B 20 -37.54 2.55 -35.86
CA PRO B 20 -36.99 1.40 -35.13
C PRO B 20 -35.78 1.74 -34.27
N PHE B 21 -35.96 2.60 -33.27
CA PHE B 21 -34.87 2.89 -32.36
C PHE B 21 -34.63 1.74 -31.40
N HIS B 22 -35.67 0.95 -31.08
CA HIS B 22 -35.48 -0.15 -30.15
C HIS B 22 -34.57 -1.24 -30.71
N GLU B 23 -34.43 -1.38 -32.05
CA GLU B 23 -33.52 -2.41 -32.54
C GLU B 23 -32.06 -2.02 -32.37
N VAL B 24 -31.77 -0.77 -32.00
CA VAL B 24 -30.41 -0.30 -31.78
C VAL B 24 -30.10 -0.24 -30.30
N PHE B 25 -30.98 0.40 -29.52
CA PHE B 25 -30.77 0.57 -28.09
C PHE B 25 -31.01 -0.72 -27.33
N ASN B 26 -31.98 -1.50 -27.77
CA ASN B 26 -32.39 -2.75 -27.12
C ASN B 26 -32.01 -3.89 -28.06
N ALA B 27 -30.77 -4.36 -27.91
CA ALA B 27 -30.15 -5.34 -28.78
C ALA B 27 -29.40 -6.33 -27.89
N THR B 28 -29.30 -7.59 -28.32
CA THR B 28 -28.61 -8.57 -27.49
C THR B 28 -27.15 -8.19 -27.28
N ARG B 29 -26.45 -7.82 -28.35
CA ARG B 29 -25.03 -7.48 -28.27
C ARG B 29 -24.74 -6.26 -29.12
N PHE B 30 -23.98 -5.32 -28.58
CA PHE B 30 -23.51 -4.17 -29.32
C PHE B 30 -22.17 -4.53 -29.96
N ALA B 31 -21.88 -3.89 -31.08
CA ALA B 31 -20.62 -4.11 -31.78
C ALA B 31 -19.42 -3.59 -31.01
N SER B 32 -18.27 -4.18 -31.29
CA SER B 32 -17.01 -3.71 -30.74
C SER B 32 -16.73 -2.30 -31.25
N VAL B 33 -16.05 -1.51 -30.43
CA VAL B 33 -15.77 -0.13 -30.84
C VAL B 33 -14.85 -0.07 -32.06
N TYR B 34 -13.97 -1.05 -32.24
CA TYR B 34 -13.10 -1.00 -33.41
C TYR B 34 -13.89 -1.25 -34.69
N ALA B 35 -15.08 -1.84 -34.60
CA ALA B 35 -15.91 -2.21 -35.73
C ALA B 35 -17.35 -1.82 -35.42
N TRP B 36 -17.57 -0.53 -35.22
CA TRP B 36 -18.86 -0.02 -34.77
C TRP B 36 -19.97 -0.21 -35.80
N ASN B 37 -21.19 -0.40 -35.31
CA ASN B 37 -22.37 -0.66 -36.15
C ASN B 37 -23.07 0.64 -36.54
N ARG B 38 -23.00 1.02 -37.80
CA ARG B 38 -23.64 2.24 -38.30
C ARG B 38 -24.91 1.85 -39.05
N THR B 39 -26.08 2.10 -38.45
CA THR B 39 -27.34 1.75 -39.08
C THR B 39 -28.01 3.05 -39.53
N ARG B 40 -28.48 3.06 -40.78
CA ARG B 40 -29.11 4.21 -41.40
C ARG B 40 -30.62 4.16 -41.25
N ILE B 41 -31.20 5.23 -40.71
CA ILE B 41 -32.65 5.40 -40.56
C ILE B 41 -33.09 6.50 -41.51
N SER B 42 -34.03 6.18 -42.39
CA SER B 42 -34.54 7.08 -43.41
C SER B 42 -35.98 6.70 -43.75
N ASN B 43 -36.65 7.60 -44.48
CA ASN B 43 -38.03 7.38 -44.94
C ASN B 43 -38.93 6.97 -43.78
N CYS B 44 -38.86 7.72 -42.69
CA CYS B 44 -39.55 7.36 -41.47
C CYS B 44 -39.92 8.60 -40.65
N VAL B 45 -40.82 8.41 -39.68
CA VAL B 45 -41.24 9.45 -38.75
C VAL B 45 -40.61 9.08 -37.40
N ALA B 46 -39.68 9.92 -36.94
CA ALA B 46 -38.95 9.66 -35.71
C ALA B 46 -39.71 10.17 -34.49
N ASP B 47 -39.49 9.48 -33.37
CA ASP B 47 -40.02 9.87 -32.07
C ASP B 47 -38.89 9.61 -31.08
N TYR B 48 -38.35 10.69 -30.50
CA TYR B 48 -37.19 10.60 -29.64
C TYR B 48 -37.53 10.52 -28.17
N SER B 49 -38.81 10.51 -27.81
CA SER B 49 -39.15 10.38 -26.40
C SER B 49 -38.92 8.95 -25.94
N VAL B 50 -38.97 8.00 -26.88
CA VAL B 50 -38.78 6.60 -26.56
C VAL B 50 -37.34 6.36 -26.13
N LEU B 51 -36.44 7.30 -26.42
CA LEU B 51 -35.05 7.09 -26.07
C LEU B 51 -34.91 7.01 -24.56
N TYR B 52 -35.85 7.60 -23.82
CA TYR B 52 -35.73 7.65 -22.36
C TYR B 52 -36.42 6.45 -21.72
N ASN B 53 -36.96 5.52 -22.52
CA ASN B 53 -37.59 4.32 -22.02
C ASN B 53 -36.66 3.10 -21.99
N PHE B 54 -35.41 3.23 -22.44
CA PHE B 54 -34.54 2.06 -22.51
C PHE B 54 -33.58 1.91 -21.33
N ALA B 55 -33.18 3.00 -20.69
CA ALA B 55 -32.23 2.90 -19.60
C ALA B 55 -32.11 4.20 -18.83
N PRO B 56 -31.71 4.19 -17.54
CA PRO B 56 -31.13 5.42 -16.99
C PRO B 56 -29.85 5.62 -17.76
N PHE B 57 -29.54 6.87 -18.13
CA PHE B 57 -28.34 7.15 -18.90
C PHE B 57 -27.22 7.79 -18.10
N PHE B 58 -25.99 7.40 -18.47
CA PHE B 58 -24.80 8.07 -17.96
C PHE B 58 -24.73 9.46 -18.57
N ALA B 59 -24.95 9.54 -19.88
CA ALA B 59 -24.92 10.82 -20.57
C ALA B 59 -25.89 10.78 -21.74
N PHE B 60 -26.50 11.93 -21.99
CA PHE B 60 -27.37 12.17 -23.15
C PHE B 60 -27.02 13.61 -23.49
N LYS B 61 -26.01 13.80 -24.35
CA LYS B 61 -25.49 15.13 -24.63
C LYS B 61 -25.59 15.43 -26.11
N CYS B 62 -26.31 16.51 -26.43
CA CYS B 62 -26.49 16.97 -27.81
C CYS B 62 -25.58 18.15 -28.06
N TYR B 63 -24.97 18.19 -29.23
CA TYR B 63 -24.03 19.24 -29.61
C TYR B 63 -24.61 20.26 -30.59
N GLY B 64 -25.33 19.79 -31.62
CA GLY B 64 -25.86 20.70 -32.63
C GLY B 64 -27.36 20.91 -32.57
N VAL B 65 -28.05 20.22 -31.65
CA VAL B 65 -29.50 20.28 -31.54
C VAL B 65 -29.86 20.35 -30.06
N SER B 66 -31.05 20.90 -29.79
CA SER B 66 -31.57 20.91 -28.42
C SER B 66 -32.33 19.60 -28.16
N PRO B 67 -32.03 18.85 -27.08
CA PRO B 67 -32.77 17.60 -26.84
C PRO B 67 -34.29 17.76 -26.82
N THR B 68 -34.76 18.88 -26.28
CA THR B 68 -36.20 19.07 -26.11
C THR B 68 -36.88 19.49 -27.39
N LYS B 69 -36.12 19.79 -28.43
CA LYS B 69 -36.66 20.19 -29.71
C LYS B 69 -36.45 19.10 -30.75
N LEU B 70 -35.99 17.90 -30.37
CA LEU B 70 -35.66 16.90 -31.40
C LEU B 70 -36.86 16.53 -32.25
N ASN B 71 -38.06 16.53 -31.69
CA ASN B 71 -39.24 16.13 -32.44
C ASN B 71 -39.73 17.20 -33.41
N ASP B 72 -39.14 18.41 -33.41
CA ASP B 72 -39.57 19.46 -34.33
C ASP B 72 -38.66 19.61 -35.56
N LEU B 73 -37.62 18.79 -35.71
CA LEU B 73 -36.69 18.91 -36.83
C LEU B 73 -36.93 17.81 -37.83
N CYS B 74 -36.59 18.10 -39.09
CA CYS B 74 -36.66 17.14 -40.17
C CYS B 74 -35.28 17.04 -40.79
N PHE B 75 -34.86 15.80 -41.03
CA PHE B 75 -33.57 15.50 -41.62
C PHE B 75 -33.78 14.48 -42.73
N THR B 76 -32.82 14.40 -43.64
CA THR B 76 -32.96 13.44 -44.72
C THR B 76 -32.48 12.06 -44.29
N ASN B 77 -31.47 11.98 -43.43
CA ASN B 77 -30.96 10.71 -42.93
C ASN B 77 -30.50 10.90 -41.49
N VAL B 78 -30.73 9.90 -40.64
CA VAL B 78 -30.11 9.88 -39.32
C VAL B 78 -29.38 8.56 -39.20
N TYR B 79 -28.16 8.60 -38.70
CA TYR B 79 -27.34 7.41 -38.54
C TYR B 79 -27.12 7.14 -37.07
N ALA B 80 -27.23 5.88 -36.67
CA ALA B 80 -27.01 5.46 -35.29
C ALA B 80 -25.76 4.59 -35.26
N ASP B 81 -24.71 5.12 -34.62
CA ASP B 81 -23.43 4.44 -34.48
C ASP B 81 -23.45 3.75 -33.11
N SER B 82 -23.42 2.42 -33.12
CA SER B 82 -23.54 1.58 -31.93
C SER B 82 -22.22 0.90 -31.57
N PHE B 83 -21.76 1.10 -30.33
CA PHE B 83 -20.51 0.48 -29.88
C PHE B 83 -20.46 0.42 -28.35
N VAL B 84 -19.52 -0.39 -27.83
CA VAL B 84 -19.26 -0.50 -26.39
C VAL B 84 -17.86 0.02 -26.04
N ILE B 85 -17.80 0.92 -25.05
CA ILE B 85 -16.55 1.50 -24.55
C ILE B 85 -16.53 1.44 -23.01
N LYS B 86 -15.40 1.82 -22.42
CA LYS B 86 -15.32 1.89 -20.96
C LYS B 86 -15.95 3.19 -20.47
N GLY B 87 -16.39 3.19 -19.21
CA GLY B 87 -16.92 4.42 -18.64
C GLY B 87 -15.95 5.59 -18.66
N ASN B 88 -14.65 5.30 -18.43
CA ASN B 88 -13.66 6.37 -18.42
C ASN B 88 -13.38 6.90 -19.80
N GLU B 89 -13.85 6.20 -20.82
CA GLU B 89 -13.68 6.56 -22.21
C GLU B 89 -14.91 7.25 -22.77
N VAL B 90 -15.99 7.37 -21.97
CA VAL B 90 -17.23 7.96 -22.47
C VAL B 90 -17.00 9.42 -22.84
N SER B 91 -16.15 10.11 -22.08
CA SER B 91 -15.84 11.50 -22.36
C SER B 91 -15.13 11.69 -23.69
N GLN B 92 -14.63 10.62 -24.31
CA GLN B 92 -13.96 10.74 -25.59
C GLN B 92 -14.90 10.76 -26.79
N ILE B 93 -16.17 10.41 -26.63
CA ILE B 93 -17.10 10.40 -27.77
C ILE B 93 -17.67 11.82 -27.83
N ALA B 94 -16.87 12.72 -28.38
CA ALA B 94 -17.25 14.13 -28.47
C ALA B 94 -16.33 14.82 -29.47
N PRO B 95 -16.78 15.88 -30.11
CA PRO B 95 -15.86 16.66 -30.97
C PRO B 95 -14.68 17.20 -30.17
N GLY B 96 -13.48 17.16 -30.76
CA GLY B 96 -12.33 17.75 -30.11
C GLY B 96 -11.59 16.91 -29.08
N GLN B 97 -11.98 15.67 -28.85
CA GLN B 97 -11.37 14.81 -27.83
C GLN B 97 -10.27 13.93 -28.41
N THR B 98 -9.40 13.47 -27.50
CA THR B 98 -8.27 12.58 -27.80
C THR B 98 -8.38 11.36 -26.89
N GLY B 99 -7.57 10.34 -27.17
CA GLY B 99 -7.54 9.08 -26.48
C GLY B 99 -7.55 7.95 -27.49
N ASN B 100 -7.46 6.72 -27.00
CA ASN B 100 -7.37 5.60 -27.93
C ASN B 100 -8.59 5.50 -28.83
N ILE B 101 -9.75 5.93 -28.33
CA ILE B 101 -10.99 5.87 -29.11
C ILE B 101 -11.16 7.07 -30.01
N ALA B 102 -10.97 8.29 -29.51
CA ALA B 102 -11.18 9.44 -30.38
C ALA B 102 -10.27 9.40 -31.59
N ASP B 103 -9.06 8.88 -31.42
CA ASP B 103 -8.07 8.76 -32.49
C ASP B 103 -8.06 7.45 -33.27
N TYR B 104 -8.33 6.26 -32.67
CA TYR B 104 -8.16 5.03 -33.45
C TYR B 104 -9.39 4.15 -33.65
N ASN B 105 -10.54 4.44 -33.04
CA ASN B 105 -11.73 3.61 -33.19
C ASN B 105 -12.94 4.33 -33.76
N TYR B 106 -13.28 5.48 -33.20
CA TYR B 106 -14.47 6.23 -33.57
C TYR B 106 -14.21 7.70 -33.30
N LYS B 107 -14.23 8.52 -34.35
CA LYS B 107 -13.92 9.94 -34.21
C LYS B 107 -15.06 10.74 -34.80
N LEU B 108 -15.50 11.75 -34.09
CA LEU B 108 -16.53 12.65 -34.56
C LEU B 108 -15.89 13.86 -35.23
N PRO B 109 -16.53 14.49 -36.22
CA PRO B 109 -15.97 15.71 -36.79
C PRO B 109 -16.09 16.85 -35.80
N ASP B 110 -15.23 17.87 -35.96
CA ASP B 110 -15.36 19.01 -35.08
C ASP B 110 -16.69 19.73 -35.29
N ASP B 111 -17.15 19.79 -36.54
CA ASP B 111 -18.45 20.38 -36.88
C ASP B 111 -19.41 19.19 -36.87
N PHE B 112 -20.07 18.97 -35.73
CA PHE B 112 -20.90 17.80 -35.53
C PHE B 112 -22.30 18.17 -35.10
N THR B 113 -23.28 17.63 -35.79
CA THR B 113 -24.70 17.78 -35.45
C THR B 113 -25.21 16.42 -35.04
N GLY B 114 -25.67 16.28 -33.80
CA GLY B 114 -26.07 14.99 -33.32
C GLY B 114 -26.08 14.94 -31.80
N CYS B 115 -26.34 13.75 -31.29
CA CYS B 115 -26.41 13.50 -29.86
C CYS B 115 -25.65 12.23 -29.52
N VAL B 116 -24.89 12.27 -28.42
CA VAL B 116 -24.14 11.13 -27.93
C VAL B 116 -24.83 10.62 -26.68
N ILE B 117 -25.31 9.38 -26.75
CA ILE B 117 -26.08 8.75 -25.69
C ILE B 117 -25.27 7.58 -25.16
N ALA B 118 -25.05 7.52 -23.86
CA ALA B 118 -24.28 6.45 -23.26
C ALA B 118 -24.98 5.99 -21.99
N TRP B 119 -24.94 4.68 -21.73
CA TRP B 119 -25.50 4.12 -20.50
C TRP B 119 -24.69 2.92 -20.03
N ASN B 120 -24.79 2.68 -18.73
CA ASN B 120 -24.09 1.59 -18.08
C ASN B 120 -24.74 0.25 -18.46
N SER B 121 -23.93 -0.70 -18.93
CA SER B 121 -24.38 -2.02 -19.34
C SER B 121 -23.70 -3.15 -18.57
N ASN B 122 -23.23 -2.86 -17.36
CA ASN B 122 -22.50 -3.83 -16.56
C ASN B 122 -23.28 -5.13 -16.34
N LYS B 123 -24.60 -5.02 -16.18
CA LYS B 123 -25.42 -6.20 -15.93
C LYS B 123 -25.57 -7.13 -17.13
N LEU B 124 -25.29 -6.66 -18.34
CA LEU B 124 -25.45 -7.46 -19.55
C LEU B 124 -24.15 -7.96 -20.16
N ASP B 125 -23.10 -7.14 -20.14
CA ASP B 125 -21.85 -7.49 -20.81
C ASP B 125 -20.81 -8.12 -19.91
N SER B 126 -20.81 -7.86 -18.61
CA SER B 126 -19.74 -8.43 -17.80
C SER B 126 -20.02 -9.88 -17.42
N LYS B 127 -18.95 -10.65 -17.29
CA LYS B 127 -18.95 -12.03 -16.83
C LYS B 127 -17.88 -12.19 -15.77
N HIS B 128 -18.03 -13.19 -14.91
CA HIS B 128 -17.01 -13.38 -13.88
C HIS B 128 -15.69 -13.85 -14.48
N SER B 129 -15.73 -14.67 -15.53
CA SER B 129 -14.48 -15.10 -16.14
C SER B 129 -13.84 -13.98 -16.94
N GLY B 130 -14.65 -13.09 -17.50
CA GLY B 130 -14.24 -11.93 -18.30
C GLY B 130 -14.75 -12.04 -19.72
N ASN B 131 -15.43 -10.98 -20.18
CA ASN B 131 -15.96 -10.93 -21.53
C ASN B 131 -14.86 -10.35 -22.42
N TYR B 132 -14.28 -11.18 -23.29
CA TYR B 132 -13.17 -10.77 -24.16
C TYR B 132 -13.59 -10.65 -25.62
N ASP B 133 -14.88 -10.50 -25.87
CA ASP B 133 -15.43 -10.39 -27.21
C ASP B 133 -15.61 -8.95 -27.66
N TYR B 134 -15.16 -7.98 -26.86
CA TYR B 134 -15.20 -6.56 -27.20
C TYR B 134 -13.77 -6.09 -27.37
N TRP B 135 -13.41 -5.69 -28.60
CA TRP B 135 -12.05 -5.32 -28.95
C TRP B 135 -11.98 -3.84 -29.27
N TYR B 136 -10.82 -3.24 -28.98
CA TYR B 136 -10.55 -1.86 -29.34
C TYR B 136 -9.14 -1.77 -29.90
N ARG B 137 -8.91 -0.77 -30.72
CA ARG B 137 -7.61 -0.52 -31.31
C ARG B 137 -6.80 0.43 -30.44
N SER B 138 -5.54 0.07 -30.17
CA SER B 138 -4.64 0.91 -29.42
C SER B 138 -3.44 1.37 -30.23
N LEU B 139 -3.08 0.67 -31.31
CA LEU B 139 -1.96 1.01 -32.16
C LEU B 139 -2.42 1.22 -33.60
N ARG B 140 -2.02 2.35 -34.20
CA ARG B 140 -2.35 2.66 -35.57
C ARG B 140 -1.26 3.55 -36.15
N LYS B 141 -1.11 3.51 -37.47
CA LYS B 141 -0.11 4.34 -38.15
C LYS B 141 -0.46 5.83 -38.18
N SER B 142 -1.74 6.17 -38.27
CA SER B 142 -2.17 7.56 -38.38
C SER B 142 -3.55 7.72 -37.75
N LYS B 143 -3.93 8.98 -37.54
CA LYS B 143 -5.21 9.28 -36.90
C LYS B 143 -6.35 8.97 -37.86
N LEU B 144 -7.50 8.57 -37.32
CA LEU B 144 -8.67 8.33 -38.14
C LEU B 144 -9.32 9.64 -38.55
N LYS B 145 -9.91 9.64 -39.73
CA LYS B 145 -10.70 10.73 -40.22
C LYS B 145 -12.10 10.58 -39.62
N PRO B 146 -12.90 11.66 -39.56
CA PRO B 146 -14.26 11.53 -39.02
C PRO B 146 -15.09 10.44 -39.69
N PHE B 147 -15.74 9.63 -38.86
CA PHE B 147 -16.58 8.50 -39.24
C PHE B 147 -15.86 7.43 -40.06
N GLU B 148 -14.53 7.41 -40.04
CA GLU B 148 -13.79 6.33 -40.71
C GLU B 148 -13.77 5.10 -39.81
N ARG B 149 -13.91 3.93 -40.41
CA ARG B 149 -13.84 2.65 -39.70
C ARG B 149 -12.75 1.80 -40.32
N ASP B 150 -11.97 1.10 -39.48
CA ASP B 150 -10.89 0.24 -39.94
C ASP B 150 -10.95 -1.04 -39.12
N ILE B 151 -11.22 -2.17 -39.77
CA ILE B 151 -11.41 -3.46 -39.12
C ILE B 151 -10.29 -4.44 -39.47
N SER B 152 -9.17 -3.92 -39.98
CA SER B 152 -7.98 -4.70 -40.30
C SER B 152 -7.31 -5.27 -39.06
N THR B 153 -6.73 -6.47 -39.21
CA THR B 153 -6.03 -7.13 -38.11
C THR B 153 -4.55 -7.33 -38.42
N GLU B 154 -3.99 -6.55 -39.35
CA GLU B 154 -2.57 -6.71 -39.67
C GLU B 154 -1.73 -6.35 -38.45
N ILE B 155 -0.56 -6.98 -38.33
CA ILE B 155 0.29 -6.73 -37.19
C ILE B 155 0.96 -5.36 -37.31
N TYR B 156 0.87 -4.59 -36.23
CA TYR B 156 1.44 -3.25 -36.19
C TYR B 156 2.94 -3.34 -35.96
N GLN B 157 3.70 -2.64 -36.81
CA GLN B 157 5.15 -2.61 -36.74
C GLN B 157 5.61 -1.36 -35.98
N ALA B 158 6.13 -1.56 -34.78
CA ALA B 158 6.59 -0.47 -33.93
C ALA B 158 8.05 -0.15 -34.19
N GLY B 159 8.84 -1.17 -34.55
CA GLY B 159 10.26 -1.05 -34.74
C GLY B 159 10.61 -0.75 -36.18
N ASN B 160 11.90 -0.82 -36.47
CA ASN B 160 12.41 -0.53 -37.82
C ASN B 160 12.54 -1.78 -38.69
N LYS B 161 12.61 -2.97 -38.09
CA LYS B 161 12.77 -4.18 -38.88
C LYS B 161 11.45 -4.59 -39.53
N PRO B 162 11.49 -5.19 -40.73
CA PRO B 162 10.25 -5.72 -41.31
C PRO B 162 9.57 -6.68 -40.35
N CYS B 163 8.25 -6.57 -40.25
CA CYS B 163 7.47 -7.36 -39.30
C CYS B 163 6.88 -8.59 -39.98
N LYS B 164 7.15 -9.77 -39.41
CA LYS B 164 6.64 -11.05 -39.91
C LYS B 164 5.94 -11.78 -38.76
N GLY B 165 4.64 -11.54 -38.58
CA GLY B 165 3.93 -12.16 -37.47
C GLY B 165 4.15 -11.37 -36.19
N LYS B 166 3.79 -11.99 -35.07
CA LYS B 166 3.92 -11.28 -33.79
C LYS B 166 5.37 -11.42 -33.37
N GLY B 167 5.85 -10.47 -32.58
CA GLY B 167 7.24 -10.52 -32.18
C GLY B 167 7.73 -9.36 -31.34
N PRO B 168 9.06 -9.31 -31.16
CA PRO B 168 9.68 -8.29 -30.29
C PRO B 168 9.17 -6.85 -30.43
N ASN B 169 9.01 -6.36 -31.66
CA ASN B 169 8.46 -5.04 -31.95
C ASN B 169 7.32 -5.14 -32.95
N CYS B 170 6.54 -6.20 -32.81
CA CYS B 170 5.39 -6.51 -33.64
C CYS B 170 4.24 -6.80 -32.70
N TYR B 171 3.19 -5.99 -32.78
CA TYR B 171 2.09 -6.09 -31.83
C TYR B 171 0.78 -6.26 -32.57
N PHE B 172 -0.11 -7.05 -32.02
CA PHE B 172 -1.44 -7.15 -32.59
C PHE B 172 -2.12 -5.81 -32.32
N PRO B 173 -2.70 -5.14 -33.32
CA PRO B 173 -3.22 -3.78 -33.06
C PRO B 173 -4.44 -3.71 -32.18
N LEU B 174 -5.16 -4.81 -31.99
CA LEU B 174 -6.38 -4.78 -31.20
C LEU B 174 -6.12 -5.43 -29.84
N GLU B 175 -6.82 -4.93 -28.84
CA GLU B 175 -6.77 -5.47 -27.49
C GLU B 175 -8.21 -5.64 -27.04
N SER B 176 -8.45 -6.65 -26.22
CA SER B 176 -9.80 -6.86 -25.72
C SER B 176 -9.95 -6.22 -24.35
N TYR B 177 -11.17 -5.82 -24.03
CA TYR B 177 -11.47 -5.32 -22.71
C TYR B 177 -11.91 -6.54 -21.92
N GLY B 178 -11.41 -6.70 -20.70
CA GLY B 178 -11.89 -7.73 -19.83
C GLY B 178 -12.93 -7.03 -18.98
N PHE B 179 -14.19 -7.43 -19.13
CA PHE B 179 -15.27 -6.86 -18.33
C PHE B 179 -15.72 -7.87 -17.29
N ARG B 180 -15.71 -7.45 -16.03
CA ARG B 180 -16.12 -8.27 -14.90
C ARG B 180 -17.06 -7.46 -14.01
N PRO B 181 -18.09 -8.10 -13.42
CA PRO B 181 -19.09 -7.33 -12.67
C PRO B 181 -18.57 -6.56 -11.47
N THR B 182 -17.39 -6.91 -10.95
CA THR B 182 -16.84 -6.28 -9.76
C THR B 182 -15.91 -5.10 -10.02
N TYR B 183 -15.67 -4.72 -11.27
CA TYR B 183 -14.80 -3.59 -11.54
C TYR B 183 -15.44 -2.28 -11.10
N GLY B 184 -14.60 -1.28 -10.90
CA GLY B 184 -15.10 0.02 -10.50
C GLY B 184 -15.83 0.63 -11.68
N VAL B 185 -16.54 1.73 -11.41
CA VAL B 185 -17.41 2.32 -12.43
C VAL B 185 -16.63 2.72 -13.68
N GLY B 186 -15.42 3.28 -13.51
CA GLY B 186 -14.67 3.72 -14.67
C GLY B 186 -14.24 2.61 -15.60
N HIS B 187 -14.25 1.35 -15.15
CA HIS B 187 -13.85 0.20 -15.95
C HIS B 187 -14.99 -0.74 -16.30
N GLN B 188 -16.27 -0.34 -16.04
CA GLN B 188 -17.40 -1.18 -16.42
C GLN B 188 -17.76 -0.90 -17.87
N PRO B 189 -18.37 -1.84 -18.60
CA PRO B 189 -18.76 -1.54 -19.98
C PRO B 189 -19.92 -0.57 -20.03
N TYR B 190 -19.88 0.29 -21.04
CA TYR B 190 -20.95 1.21 -21.37
C TYR B 190 -21.32 1.08 -22.83
N ARG B 191 -22.62 1.06 -23.08
CA ARG B 191 -23.16 1.01 -24.42
C ARG B 191 -23.39 2.43 -24.88
N VAL B 192 -22.85 2.77 -26.05
CA VAL B 192 -22.93 4.12 -26.61
C VAL B 192 -23.60 4.04 -27.96
N VAL B 193 -24.58 4.92 -28.16
CA VAL B 193 -25.27 5.12 -29.42
C VAL B 193 -25.11 6.60 -29.77
N VAL B 194 -24.57 6.89 -30.94
CA VAL B 194 -24.39 8.26 -31.40
C VAL B 194 -25.35 8.47 -32.55
N LEU B 195 -26.23 9.46 -32.42
CA LEU B 195 -27.21 9.79 -33.45
C LEU B 195 -26.69 11.00 -34.22
N SER B 196 -26.33 10.78 -35.49
CA SER B 196 -25.81 11.82 -36.35
C SER B 196 -26.93 12.20 -37.31
N PHE B 197 -27.26 13.48 -37.37
CA PHE B 197 -28.39 13.93 -38.18
C PHE B 197 -27.82 14.58 -39.43
N GLU B 198 -28.19 14.06 -40.60
CA GLU B 198 -27.66 14.53 -41.87
C GLU B 198 -28.80 15.16 -42.67
N LEU B 199 -28.50 16.34 -43.24
CA LEU B 199 -29.38 17.10 -44.12
C LEU B 199 -28.82 17.26 -45.52
N LEU B 200 -29.60 16.86 -46.53
CA LEU B 200 -29.23 16.99 -47.94
C LEU B 200 -30.40 17.64 -48.70
N HIS B 201 -31.19 16.85 -49.45
CA HIS B 201 -32.35 17.34 -50.18
C HIS B 201 -33.48 16.35 -49.95
N ALA B 202 -34.70 16.88 -49.88
CA ALA B 202 -35.91 16.06 -49.68
C ALA B 202 -35.86 15.33 -48.34
C1 NAG C . 6.56 11.09 -20.96
C2 NAG C . 6.21 12.57 -21.18
C3 NAG C . 4.80 12.80 -20.68
C4 NAG C . 3.85 11.88 -21.43
C5 NAG C . 4.29 10.44 -21.19
C6 NAG C . 3.47 9.43 -21.97
C7 NAG C . 8.23 13.97 -20.98
C8 NAG C . 9.07 14.76 -20.01
N2 NAG C . 7.13 13.39 -20.45
O3 NAG C . 4.46 14.14 -20.90
O4 NAG C . 2.55 12.05 -20.90
O5 NAG C . 5.63 10.27 -21.63
O6 NAG C . 3.82 8.12 -21.57
O7 NAG C . 8.53 13.88 -22.15
C1 NAG C . 1.66 12.61 -21.91
C2 NAG C . 0.23 12.30 -21.47
C3 NAG C . -0.72 12.94 -22.47
C4 NAG C . -0.45 14.44 -22.53
C5 NAG C . 1.01 14.67 -22.93
C6 NAG C . 1.40 16.13 -22.94
C7 NAG C . 0.15 10.08 -20.40
C8 NAG C . -0.06 8.60 -20.65
N2 NAG C . 0.04 10.88 -21.49
O3 NAG C . -2.05 12.72 -22.08
O4 NAG C . -1.33 15.01 -23.46
O5 NAG C . 1.86 14.00 -22.02
O6 NAG C . 0.61 16.85 -23.86
O7 NAG C . 0.40 10.49 -19.28
C1 NAG D . -21.09 10.33 -0.09
C2 NAG D . -21.66 11.63 -0.70
C3 NAG D . -22.92 12.03 0.06
C4 NAG D . -23.90 10.86 0.00
C5 NAG D . -23.25 9.64 0.66
C6 NAG D . -24.10 8.40 0.67
C7 NAG D . -19.68 12.93 -1.44
C8 NAG D . -18.73 14.03 -1.06
N2 NAG D . -20.68 12.67 -0.55
O3 NAG D . -23.46 13.18 -0.51
O4 NAG D . -25.23 11.18 0.40
O5 NAG D . -22.08 9.33 -0.06
O6 NAG D . -23.39 7.33 1.28
O7 NAG D . -19.60 12.37 -2.52
C1 NAG D . -25.39 11.77 1.70
C2 NAG D . -26.73 12.50 1.63
C3 NAG D . -27.03 13.10 2.99
C4 NAG D . -27.03 12.00 4.02
C5 NAG D . -25.67 11.30 4.01
C6 NAG D . -25.59 10.14 4.97
C7 NAG D . -27.60 13.81 -0.28
C8 NAG D . -27.28 14.94 -1.24
N2 NAG D . -26.64 13.54 0.63
O3 NAG D . -28.28 13.73 2.96
O4 NAG D . -27.30 12.56 5.28
O5 NAG D . -25.41 10.80 2.71
O6 NAG D . -25.77 10.58 6.29
O7 NAG D . -28.66 13.21 -0.36
C1 NAG E . -16.41 19.57 10.95
C2 NAG E . -16.47 19.48 12.49
C3 NAG E . -17.75 18.75 12.86
C4 NAG E . -18.94 19.49 12.29
C5 NAG E . -18.78 19.59 10.78
C6 NAG E . -19.89 20.39 10.12
C7 NAG E . -14.82 18.86 14.19
C8 NAG E . -13.61 18.01 14.48
N2 NAG E . -15.32 18.75 12.95
O3 NAG E . -17.88 18.69 14.26
O4 NAG E . -20.09 18.69 12.56
O5 NAG E . -17.55 20.24 10.47
O6 NAG E . -19.74 20.37 8.72
O7 NAG E . -15.32 19.58 15.04
C1 NAG E . -21.07 19.41 13.35
C2 NAG E . -22.41 18.67 13.18
C3 NAG E . -23.45 19.39 14.01
C4 NAG E . -23.00 19.41 15.46
C5 NAG E . -21.65 20.10 15.56
C6 NAG E . -21.08 20.08 16.96
C7 NAG E . -22.91 17.63 10.99
C8 NAG E . -23.31 17.93 9.56
N2 NAG E . -22.78 18.71 11.79
O3 NAG E . -24.66 18.70 13.88
O4 NAG E . -23.97 20.14 16.19
O5 NAG E . -20.71 19.44 14.72
O6 NAG E . -19.92 20.89 17.02
O7 NAG E . -22.77 16.48 11.38
C1 BMA E . -24.53 19.37 17.27
C2 BMA E . -25.32 20.35 18.14
C3 BMA E . -25.98 19.56 19.29
C4 BMA E . -26.85 18.45 18.68
C5 BMA E . -25.99 17.55 17.80
C6 BMA E . -26.80 16.46 17.09
O2 BMA E . -26.26 21.04 17.36
O3 BMA E . -26.77 20.43 20.05
O4 BMA E . -27.43 17.73 19.74
O5 BMA E . -25.37 18.33 16.80
O6 BMA E . -27.38 15.62 18.07
C1 NAG F . 19.34 -9.86 -15.93
C2 NAG F . 19.53 -10.73 -17.18
C3 NAG F . 20.71 -10.26 -18.01
C4 NAG F . 20.67 -8.76 -18.25
C5 NAG F . 20.65 -8.05 -16.90
C6 NAG F . 20.51 -6.55 -17.05
C7 NAG F . 19.70 -13.18 -17.48
C8 NAG F . 19.73 -14.48 -16.74
N2 NAG F . 19.70 -12.09 -16.72
O3 NAG F . 20.67 -10.96 -19.23
O4 NAG F . 21.87 -8.37 -18.90
O5 NAG F . 19.51 -8.47 -16.14
O6 NAG F . 20.15 -5.95 -15.82
O7 NAG F . 19.69 -13.13 -18.71
C1 NAG F . 22.12 -8.48 -20.27
C2 NAG F . 23.60 -8.17 -20.48
C3 NAG F . 24.01 -8.42 -21.92
C4 NAG F . 23.58 -9.81 -22.37
C5 NAG F . 22.08 -9.93 -22.17
C6 NAG F . 21.54 -11.27 -22.57
C7 NAG F . 24.79 -6.55 -19.10
C8 NAG F . 24.65 -5.19 -18.51
N2 NAG F . 23.97 -6.82 -20.12
O3 NAG F . 25.42 -8.26 -22.04
O4 NAG F . 23.88 -9.97 -23.75
O5 NAG F . 21.80 -9.77 -20.76
O6 NAG F . 20.12 -11.28 -22.48
O7 NAG F . 25.59 -7.37 -18.68
C1 NAG G . -15.77 -20.73 -0.92
C2 NAG G . -17.10 -20.30 -1.54
C3 NAG G . -17.89 -21.52 -1.94
C4 NAG G . -17.08 -22.34 -2.93
C5 NAG G . -15.75 -22.71 -2.26
C6 NAG G . -14.81 -23.46 -3.18
C7 NAG G . -17.85 -18.18 -0.53
C8 NAG G . -18.71 -17.57 0.54
N2 NAG G . -17.86 -19.53 -0.60
O3 NAG G . -19.10 -21.14 -2.54
O4 NAG G . -17.81 -23.49 -3.29
O5 NAG G . -15.07 -21.53 -1.86
O6 NAG G . -15.45 -24.58 -3.75
O7 NAG G . -17.19 -17.48 -1.29
C1 NAG H . -0.51 20.09 35.48
C2 NAG H . 0.87 19.61 35.96
C3 NAG H . 0.96 19.85 37.46
C4 NAG H . 0.75 21.33 37.72
C5 NAG H . -0.61 21.75 37.18
C6 NAG H . -0.88 23.24 37.34
C7 NAG H . 1.60 17.71 34.58
C8 NAG H . 1.56 16.21 34.45
N2 NAG H . 1.00 18.21 35.68
O3 NAG H . 2.22 19.46 37.92
O4 NAG H . 0.84 21.57 39.11
O5 NAG H . -0.67 21.45 35.80
O6 NAG H . -0.86 23.60 38.70
O7 NAG H . 2.19 18.40 33.76
C1 NAG I . -24.86 -4.91 -36.40
C2 NAG I . -24.80 -4.97 -37.93
C3 NAG I . -25.32 -6.33 -38.36
C4 NAG I . -24.44 -7.40 -37.72
C5 NAG I . -24.48 -7.24 -36.19
C6 NAG I . -23.54 -8.20 -35.48
C7 NAG I . -25.08 -2.85 -39.18
C8 NAG I . -26.09 -1.81 -39.59
N2 NAG I . -25.58 -3.89 -38.47
O3 NAG I . -25.26 -6.45 -39.75
O4 NAG I . -24.93 -8.66 -38.10
O5 NAG I . -24.07 -5.93 -35.84
O6 NAG I . -23.47 -7.89 -34.10
O7 NAG I . -23.91 -2.77 -39.53
C1 NAG J . -36.13 -4.52 -24.36
C2 NAG J . -37.52 -4.03 -23.93
C3 NAG J . -37.99 -4.90 -22.78
C4 NAG J . -38.02 -6.35 -23.24
C5 NAG J . -36.63 -6.76 -23.71
C6 NAG J . -36.57 -8.15 -24.29
C7 NAG J . -37.84 -1.60 -24.23
C8 NAG J . -37.68 -0.25 -23.56
N2 NAG J . -37.45 -2.66 -23.49
O3 NAG J . -39.26 -4.50 -22.37
O4 NAG J . -38.45 -7.15 -22.17
O5 NAG J . -36.20 -5.87 -24.74
O6 NAG J . -35.25 -8.46 -24.69
O7 NAG J . -38.25 -1.69 -25.37
#